data_3TQG
#
_entry.id   3TQG
#
_cell.length_a   59.354
_cell.length_b   82.279
_cell.length_c   145.898
_cell.angle_alpha   90.00
_cell.angle_beta   90.00
_cell.angle_gamma   90.00
#
_symmetry.space_group_name_H-M   'P 21 21 21'
#
loop_
_entity.id
_entity.type
_entity.pdbx_description
1 polymer '2-methylcitrate synthase'
2 water water
#
_entity_poly.entity_id   1
_entity_poly.type   'polypeptide(L)'
_entity_poly.pdbx_seq_one_letter_code
;SNA(MSE)TKTAKGLRGQSAGETSIATVGKEGHGLTYRGYRIEDLAANATFEEVAYLLLKNKLPTKSELDAYTKKLVNLR
SLPPALKDTLERIPASSHP(MSE)DV(MSE)RTGCS(MSE)LGNLEPENGFENEQNIADRLVAIFPAIQCYWYHYSHHGK
RIDTELDDLTLAGYFLHLLLGKKAAQ(MSE)AIDC(MSE)NASLILYAEHEFNASTFAARVCSATLSDIYSAVTAAIATL
RGPLHGGANEAA(MSE)DLI(MSE)LYKTPSEAIAGIKRKLANKELI(MSE)GFGHAVYRERDPRNAIIKSWAQKLAPNA
ADGYLFDISDAIENT(MSE)QDEKKLFPNLDFYSATAYHFLNIPTKLFTPIFV(MSE)SRVTGWCAHIFEQRKDNRIIRP
NADYIGPEEQGWVPIEKRR
;
_entity_poly.pdbx_strand_id   A,B
#
# COMPACT_ATOMS: atom_id res chain seq x y z
N ALA A 16 6.00 13.14 14.22
CA ALA A 16 5.13 12.34 13.30
C ALA A 16 4.33 11.22 14.01
N GLY A 17 4.65 10.96 15.27
CA GLY A 17 4.04 9.84 16.01
C GLY A 17 5.00 9.27 17.04
N GLU A 18 4.53 8.25 17.77
CA GLU A 18 5.30 7.65 18.85
C GLU A 18 5.53 6.17 18.63
N THR A 19 6.64 5.67 19.15
CA THR A 19 6.89 4.25 19.15
C THR A 19 7.65 3.82 20.40
N SER A 20 7.43 2.58 20.81
CA SER A 20 8.23 1.94 21.86
C SER A 20 9.06 0.80 21.27
N ILE A 21 9.07 0.65 19.95
CA ILE A 21 9.58 -0.55 19.33
C ILE A 21 11.11 -0.54 19.21
N ALA A 22 11.65 0.53 18.64
CA ALA A 22 13.09 0.61 18.38
C ALA A 22 13.54 2.06 18.38
N THR A 23 14.85 2.24 18.50
CA THR A 23 15.42 3.57 18.33
C THR A 23 16.91 3.52 18.02
N VAL A 24 17.35 4.50 17.24
CA VAL A 24 18.75 4.83 17.13
C VAL A 24 19.09 5.65 18.37
N GLY A 25 20.28 5.43 18.93
CA GLY A 25 20.68 6.07 20.20
C GLY A 25 20.65 7.58 20.18
N LYS A 26 20.54 8.18 21.36
CA LYS A 26 20.31 9.62 21.53
C LYS A 26 21.00 10.51 20.47
N GLU A 27 22.32 10.40 20.36
CA GLU A 27 23.09 11.21 19.39
C GLU A 27 23.48 10.44 18.12
N GLY A 28 22.54 9.66 17.60
CA GLY A 28 22.74 8.94 16.34
C GLY A 28 23.75 7.80 16.45
N HIS A 29 23.89 7.23 17.65
CA HIS A 29 24.80 6.10 17.89
C HIS A 29 24.06 4.85 18.35
N GLY A 30 24.35 3.72 17.70
CA GLY A 30 23.83 2.43 18.13
C GLY A 30 22.37 2.19 17.78
N LEU A 31 21.86 1.03 18.16
CA LEU A 31 20.52 0.61 17.77
C LEU A 31 19.95 -0.42 18.74
N THR A 32 18.69 -0.22 19.15
CA THR A 32 18.00 -1.16 20.04
C THR A 32 16.63 -1.55 19.47
N TYR A 33 16.26 -2.81 19.70
CA TYR A 33 14.88 -3.28 19.51
C TYR A 33 14.33 -3.55 20.90
N ARG A 34 13.30 -2.80 21.28
CA ARG A 34 12.68 -2.92 22.60
C ARG A 34 13.74 -2.92 23.70
N GLY A 35 14.74 -2.06 23.54
CA GLY A 35 15.80 -1.88 24.52
C GLY A 35 17.05 -2.73 24.36
N TYR A 36 16.97 -3.79 23.57
CA TYR A 36 18.10 -4.73 23.44
C TYR A 36 18.95 -4.39 22.23
N ARG A 37 20.25 -4.42 22.42
CA ARG A 37 21.18 -3.96 21.40
C ARG A 37 21.17 -4.89 20.19
N ILE A 38 21.24 -4.30 19.00
CA ILE A 38 21.38 -5.06 17.78
C ILE A 38 22.59 -6.01 17.82
N GLU A 39 23.70 -5.57 18.40
CA GLU A 39 24.91 -6.40 18.50
C GLU A 39 24.64 -7.67 19.31
N ASP A 40 23.96 -7.52 20.46
CA ASP A 40 23.64 -8.66 21.32
C ASP A 40 22.60 -9.55 20.65
N LEU A 41 21.68 -8.93 19.91
CA LEU A 41 20.66 -9.70 19.19
C LEU A 41 21.29 -10.54 18.06
N ALA A 42 22.11 -9.91 17.24
CA ALA A 42 22.75 -10.61 16.11
C ALA A 42 23.68 -11.73 16.57
N ALA A 43 24.35 -11.49 17.69
CA ALA A 43 25.37 -12.41 18.19
C ALA A 43 24.76 -13.64 18.87
N ASN A 44 23.67 -13.43 19.61
CA ASN A 44 23.13 -14.44 20.53
C ASN A 44 21.79 -15.05 20.15
N ALA A 45 21.02 -14.38 19.29
CA ALA A 45 19.60 -14.71 19.08
C ALA A 45 19.33 -15.26 17.70
N THR A 46 18.29 -16.07 17.59
CA THR A 46 17.77 -16.51 16.32
C THR A 46 16.82 -15.43 15.79
N PHE A 47 16.54 -15.46 14.49
CA PHE A 47 15.56 -14.55 13.89
C PHE A 47 14.17 -14.75 14.47
N GLU A 48 13.82 -16.00 14.78
CA GLU A 48 12.52 -16.32 15.35
C GLU A 48 12.41 -15.67 16.72
N GLU A 49 13.48 -15.80 17.47
CA GLU A 49 13.63 -15.18 18.78
C GLU A 49 13.45 -13.66 18.68
N VAL A 50 13.98 -13.07 17.60
CA VAL A 50 13.86 -11.62 17.37
C VAL A 50 12.48 -11.25 16.85
N ALA A 51 11.91 -12.07 15.97
CA ALA A 51 10.51 -11.87 15.55
C ALA A 51 9.59 -11.94 16.77
N TYR A 52 9.81 -12.90 17.64
CA TYR A 52 8.99 -13.02 18.87
C TYR A 52 9.08 -11.73 19.70
N LEU A 53 10.29 -11.17 19.83
CA LEU A 53 10.51 -9.96 20.61
C LEU A 53 9.73 -8.77 20.04
N LEU A 54 9.78 -8.63 18.73
CA LEU A 54 9.05 -7.57 18.03
C LEU A 54 7.54 -7.82 18.08
N LEU A 55 7.09 -9.01 17.74
CA LEU A 55 5.64 -9.29 17.65
C LEU A 55 4.96 -9.40 19.02
N LYS A 56 5.58 -10.15 19.95
CA LYS A 56 4.97 -10.44 21.26
C LYS A 56 5.44 -9.52 22.40
N ASN A 57 6.37 -8.62 22.11
CA ASN A 57 6.84 -7.65 23.10
C ASN A 57 7.48 -8.30 24.34
N LYS A 58 8.42 -9.21 24.10
CA LYS A 58 9.34 -9.68 25.14
C LYS A 58 10.27 -10.75 24.59
N LEU A 59 11.44 -10.89 25.18
CA LEU A 59 12.33 -11.99 24.86
C LEU A 59 11.70 -13.30 25.34
N PRO A 60 11.64 -14.32 24.48
CA PRO A 60 11.03 -15.58 24.85
C PRO A 60 11.91 -16.44 25.76
N THR A 61 11.28 -17.20 26.66
CA THR A 61 11.98 -18.26 27.36
C THR A 61 12.32 -19.38 26.37
N LYS A 62 13.16 -20.31 26.80
CA LYS A 62 13.52 -21.48 26.00
C LYS A 62 12.26 -22.21 25.49
N SER A 63 11.38 -22.53 26.44
CA SER A 63 10.11 -23.19 26.15
C SER A 63 9.25 -22.41 25.14
N GLU A 64 9.09 -21.12 25.37
CA GLU A 64 8.34 -20.26 24.43
C GLU A 64 8.97 -20.22 23.04
N LEU A 65 10.30 -20.11 22.97
CA LEU A 65 10.99 -20.05 21.67
C LEU A 65 10.87 -21.38 20.94
N ASP A 66 10.98 -22.47 21.67
CA ASP A 66 10.88 -23.79 21.08
C ASP A 66 9.52 -24.00 20.42
N ALA A 67 8.44 -23.74 21.16
CA ALA A 67 7.08 -23.86 20.63
C ALA A 67 6.84 -22.93 19.43
N TYR A 68 7.37 -21.71 19.51
CA TYR A 68 7.20 -20.73 18.44
C TYR A 68 7.97 -21.13 17.18
N THR A 69 9.21 -21.58 17.35
CA THR A 69 10.00 -22.07 16.23
C THR A 69 9.31 -23.24 15.50
N LYS A 70 8.72 -24.14 16.29
CA LYS A 70 7.97 -25.29 15.76
C LYS A 70 6.67 -24.87 15.13
N LYS A 71 6.04 -23.85 15.70
CA LYS A 71 4.83 -23.30 15.14
C LYS A 71 5.06 -22.83 13.70
N LEU A 72 6.11 -22.04 13.48
CA LEU A 72 6.41 -21.48 12.13
C LEU A 72 6.78 -22.57 11.11
N VAL A 73 7.47 -23.62 11.55
CA VAL A 73 7.77 -24.78 10.69
C VAL A 73 6.50 -25.39 10.06
N ASN A 74 5.41 -25.49 10.82
CA ASN A 74 4.13 -26.00 10.30
C ASN A 74 3.19 -24.92 9.70
N LEU A 75 3.72 -23.72 9.41
CA LEU A 75 2.96 -22.70 8.68
C LEU A 75 3.57 -22.43 7.29
N ARG A 76 4.18 -23.48 6.72
CA ARG A 76 4.95 -23.35 5.48
C ARG A 76 4.21 -23.84 4.22
N SER A 77 2.96 -24.24 4.36
CA SER A 77 2.18 -24.67 3.20
C SER A 77 1.54 -23.47 2.48
N LEU A 78 1.66 -23.45 1.17
CA LEU A 78 0.94 -22.50 0.33
C LEU A 78 -0.41 -23.08 -0.07
N PRO A 79 -1.50 -22.30 0.05
CA PRO A 79 -2.79 -22.79 -0.43
C PRO A 79 -2.78 -22.95 -1.95
N PRO A 80 -3.49 -23.96 -2.50
CA PRO A 80 -3.49 -24.23 -3.93
C PRO A 80 -3.82 -23.00 -4.78
N ALA A 81 -4.81 -22.21 -4.34
CA ALA A 81 -5.19 -21.00 -5.08
C ALA A 81 -4.02 -20.03 -5.18
N LEU A 82 -3.24 -19.89 -4.11
CA LEU A 82 -2.10 -18.98 -4.14
C LEU A 82 -1.02 -19.52 -5.10
N LYS A 83 -0.71 -20.81 -5.01
CA LYS A 83 0.17 -21.41 -5.98
C LYS A 83 -0.30 -21.11 -7.41
N ASP A 84 -1.60 -21.34 -7.66
CA ASP A 84 -2.19 -21.08 -8.97
C ASP A 84 -1.84 -19.65 -9.41
N THR A 85 -1.92 -18.70 -8.49
CA THR A 85 -1.67 -17.29 -8.81
C THR A 85 -0.19 -17.01 -9.05
N LEU A 86 0.65 -17.56 -8.20
CA LEU A 86 2.09 -17.44 -8.36
C LEU A 86 2.57 -18.05 -9.67
N GLU A 87 1.95 -19.15 -10.09
CA GLU A 87 2.32 -19.74 -11.37
C GLU A 87 2.09 -18.84 -12.57
N ARG A 88 1.15 -17.90 -12.45
CA ARG A 88 0.77 -17.01 -13.54
C ARG A 88 1.47 -15.65 -13.53
N ILE A 89 2.41 -15.44 -12.59
CA ILE A 89 3.21 -14.22 -12.63
C ILE A 89 4.46 -14.53 -13.47
N PRO A 90 4.69 -13.74 -14.55
CA PRO A 90 5.84 -13.95 -15.40
C PRO A 90 7.16 -13.77 -14.67
N ALA A 91 8.19 -14.46 -15.15
CA ALA A 91 9.53 -14.42 -14.56
C ALA A 91 10.13 -13.01 -14.57
N SER A 92 9.72 -12.21 -15.55
CA SER A 92 10.19 -10.84 -15.69
C SER A 92 9.55 -9.84 -14.71
N SER A 93 8.55 -10.29 -13.96
CA SER A 93 7.88 -9.42 -13.00
C SER A 93 8.84 -9.15 -11.84
N HIS A 94 8.93 -7.89 -11.41
CA HIS A 94 9.82 -7.53 -10.30
C HIS A 94 9.45 -8.44 -9.12
N PRO A 95 10.44 -9.17 -8.55
CA PRO A 95 10.21 -10.07 -7.41
C PRO A 95 9.45 -9.47 -6.21
N ASP A 97 7.04 -7.14 -6.61
CA ASP A 97 5.65 -7.21 -7.05
C ASP A 97 5.06 -8.59 -6.83
N VAL A 98 5.91 -9.61 -6.83
CA VAL A 98 5.48 -10.95 -6.47
C VAL A 98 5.03 -10.99 -5.01
N ARG A 100 4.03 -8.52 -3.31
CA ARG A 100 2.86 -7.68 -3.24
C ARG A 100 1.61 -8.54 -3.50
N THR A 101 1.56 -9.17 -4.66
CA THR A 101 0.40 -9.97 -5.03
C THR A 101 0.20 -11.19 -4.15
N GLY A 102 1.31 -11.82 -3.76
CA GLY A 102 1.27 -12.96 -2.83
C GLY A 102 0.68 -12.59 -1.49
N CYS A 103 1.18 -11.52 -0.88
CA CYS A 103 0.58 -11.03 0.35
C CYS A 103 -0.90 -10.72 0.16
N SER A 104 -1.22 -9.97 -0.89
CA SER A 104 -2.60 -9.54 -1.12
C SER A 104 -3.55 -10.72 -1.35
N LEU A 106 -2.98 -13.95 -0.45
CA LEU A 106 -3.05 -14.75 0.78
C LEU A 106 -4.14 -14.14 1.67
N GLY A 107 -4.13 -12.81 1.77
CA GLY A 107 -5.21 -12.06 2.44
C GLY A 107 -6.62 -12.41 1.99
N ASN A 108 -6.84 -12.55 0.68
CA ASN A 108 -8.15 -12.99 0.16
C ASN A 108 -8.47 -14.41 0.61
N LEU A 109 -7.41 -15.23 0.69
CA LEU A 109 -7.53 -16.65 0.99
C LEU A 109 -7.66 -16.94 2.48
N GLU A 110 -6.91 -16.22 3.31
CA GLU A 110 -6.90 -16.45 4.77
C GLU A 110 -7.04 -15.13 5.53
N PRO A 111 -8.20 -14.46 5.38
CA PRO A 111 -8.40 -13.12 5.93
C PRO A 111 -8.24 -13.04 7.44
N GLU A 112 -7.87 -11.85 7.91
CA GLU A 112 -7.69 -11.57 9.32
C GLU A 112 -8.99 -11.75 10.11
N ASN A 113 -10.07 -11.12 9.64
CA ASN A 113 -11.40 -11.19 10.28
C ASN A 113 -11.35 -10.81 11.76
N GLY A 114 -11.05 -9.56 12.03
CA GLY A 114 -11.02 -9.08 13.40
C GLY A 114 -9.60 -9.06 13.91
N PHE A 115 -9.27 -7.99 14.60
CA PHE A 115 -7.91 -7.76 15.08
C PHE A 115 -7.46 -8.70 16.20
N GLU A 116 -8.39 -9.45 16.79
CA GLU A 116 -8.03 -10.48 17.76
C GLU A 116 -7.22 -11.59 17.09
N ASN A 117 -7.25 -11.66 15.77
CA ASN A 117 -6.47 -12.64 15.03
C ASN A 117 -5.10 -12.09 14.57
N GLU A 118 -4.78 -10.87 14.98
CA GLU A 118 -3.53 -10.19 14.62
C GLU A 118 -2.31 -11.07 14.57
N GLN A 119 -2.13 -11.79 15.67
CA GLN A 119 -0.90 -12.50 15.94
C GLN A 119 -0.82 -13.74 15.07
N ASN A 120 -1.97 -14.39 14.86
CA ASN A 120 -2.02 -15.59 14.05
C ASN A 120 -1.56 -15.28 12.63
N ILE A 121 -1.99 -14.12 12.11
CA ILE A 121 -1.67 -13.72 10.75
C ILE A 121 -0.21 -13.29 10.62
N ALA A 122 0.29 -12.53 11.59
CA ALA A 122 1.69 -12.10 11.58
C ALA A 122 2.64 -13.32 11.56
N ASP A 123 2.38 -14.28 12.43
CA ASP A 123 3.14 -15.53 12.45
C ASP A 123 3.11 -16.25 11.08
N ARG A 124 1.94 -16.23 10.44
CA ARG A 124 1.79 -16.85 9.14
C ARG A 124 2.63 -16.11 8.09
N LEU A 125 2.51 -14.79 8.03
CA LEU A 125 3.30 -14.01 7.08
C LEU A 125 4.80 -14.26 7.25
N VAL A 126 5.28 -14.25 8.47
CA VAL A 126 6.72 -14.44 8.72
C VAL A 126 7.15 -15.83 8.29
N ALA A 127 6.32 -16.82 8.58
CA ALA A 127 6.58 -18.20 8.21
C ALA A 127 6.51 -18.46 6.69
N ILE A 128 5.59 -17.81 6.00
CA ILE A 128 5.31 -18.15 4.59
C ILE A 128 5.99 -17.28 3.51
N PHE A 129 6.46 -16.09 3.85
CA PHE A 129 7.06 -15.22 2.82
C PHE A 129 8.20 -15.85 2.01
N PRO A 130 9.11 -16.58 2.66
CA PRO A 130 10.16 -17.27 1.90
C PRO A 130 9.60 -18.24 0.87
N ALA A 131 8.55 -18.97 1.23
CA ALA A 131 7.94 -19.93 0.32
C ALA A 131 7.28 -19.23 -0.88
N ILE A 132 6.58 -18.13 -0.60
CA ILE A 132 5.97 -17.33 -1.66
C ILE A 132 7.01 -16.95 -2.71
N GLN A 133 8.13 -16.38 -2.25
CA GLN A 133 9.16 -15.92 -3.17
C GLN A 133 9.73 -17.10 -3.92
N CYS A 134 10.15 -18.14 -3.21
CA CYS A 134 10.85 -19.23 -3.84
C CYS A 134 9.98 -20.10 -4.73
N TYR A 135 8.69 -20.24 -4.37
CA TYR A 135 7.77 -21.01 -5.18
C TYR A 135 7.50 -20.31 -6.51
N TRP A 136 7.29 -19.00 -6.45
CA TRP A 136 7.18 -18.20 -7.65
C TRP A 136 8.45 -18.38 -8.46
N TYR A 137 9.58 -18.04 -7.87
CA TYR A 137 10.86 -18.08 -8.56
C TYR A 137 11.13 -19.39 -9.31
N HIS A 138 11.02 -20.50 -8.61
CA HIS A 138 11.33 -21.78 -9.26
C HIS A 138 10.33 -22.19 -10.34
N TYR A 139 9.06 -21.85 -10.15
CA TYR A 139 8.09 -22.14 -11.19
C TYR A 139 8.31 -21.24 -12.41
N SER A 140 8.38 -19.94 -12.18
CA SER A 140 8.45 -18.98 -13.28
C SER A 140 9.76 -19.07 -14.05
N HIS A 141 10.86 -19.32 -13.32
CA HIS A 141 12.18 -19.41 -13.94
C HIS A 141 12.59 -20.82 -14.35
N HIS A 142 12.19 -21.84 -13.58
CA HIS A 142 12.62 -23.21 -13.90
C HIS A 142 11.52 -24.18 -14.35
N GLY A 143 10.26 -23.81 -14.11
CA GLY A 143 9.14 -24.64 -14.56
C GLY A 143 8.83 -25.79 -13.63
N LYS A 144 9.31 -25.74 -12.39
CA LYS A 144 9.09 -26.81 -11.44
C LYS A 144 8.32 -26.29 -10.22
N ARG A 145 7.49 -27.17 -9.65
CA ARG A 145 6.73 -26.84 -8.45
C ARG A 145 7.47 -27.43 -7.27
N ILE A 146 8.13 -26.57 -6.51
CA ILE A 146 8.90 -27.04 -5.37
C ILE A 146 8.02 -27.38 -4.15
N ASP A 147 8.57 -28.21 -3.26
CA ASP A 147 7.95 -28.50 -1.97
C ASP A 147 8.30 -27.36 -1.04
N THR A 148 7.29 -26.74 -0.45
CA THR A 148 7.55 -25.66 0.50
C THR A 148 7.50 -26.12 1.96
N GLU A 149 7.01 -27.35 2.19
CA GLU A 149 6.87 -27.90 3.55
C GLU A 149 8.10 -28.72 3.90
N LEU A 150 9.21 -28.01 4.02
CA LEU A 150 10.49 -28.61 4.37
C LEU A 150 10.57 -28.72 5.89
N ASP A 151 11.51 -29.52 6.38
CA ASP A 151 11.61 -29.78 7.81
C ASP A 151 12.70 -28.97 8.52
N ASP A 152 13.33 -28.03 7.82
CA ASP A 152 14.44 -27.28 8.39
C ASP A 152 13.98 -26.54 9.63
N LEU A 153 14.80 -26.56 10.68
CA LEU A 153 14.39 -26.14 12.01
C LEU A 153 14.38 -24.62 12.14
N THR A 154 15.11 -23.95 11.26
CA THR A 154 15.35 -22.52 11.38
C THR A 154 14.94 -21.82 10.08
N LEU A 155 14.39 -20.62 10.22
CA LEU A 155 13.84 -19.90 9.08
C LEU A 155 14.93 -19.52 8.08
N ALA A 156 16.09 -19.09 8.58
CA ALA A 156 17.21 -18.74 7.72
C ALA A 156 17.60 -19.90 6.84
N GLY A 157 17.72 -21.07 7.43
CA GLY A 157 18.15 -22.26 6.70
C GLY A 157 17.08 -22.76 5.75
N TYR A 158 15.82 -22.50 6.12
CA TYR A 158 14.67 -22.86 5.30
C TYR A 158 14.67 -22.08 4.00
N PHE A 159 14.89 -20.77 4.09
CA PHE A 159 14.95 -19.95 2.90
C PHE A 159 16.08 -20.36 1.95
N LEU A 160 17.27 -20.61 2.48
CA LEU A 160 18.39 -21.09 1.66
C LEU A 160 18.13 -22.47 1.02
N HIS A 161 17.39 -23.33 1.71
CA HIS A 161 17.09 -24.69 1.21
C HIS A 161 16.10 -24.62 0.07
N LEU A 162 15.05 -23.85 0.28
CA LEU A 162 14.05 -23.57 -0.75
C LEU A 162 14.70 -22.98 -1.99
N LEU A 163 15.61 -22.03 -1.79
CA LEU A 163 16.16 -21.27 -2.90
C LEU A 163 17.09 -22.14 -3.72
N LEU A 164 17.96 -22.88 -3.04
CA LEU A 164 19.10 -23.53 -3.68
C LEU A 164 18.97 -25.05 -3.86
N GLY A 165 17.92 -25.64 -3.30
CA GLY A 165 17.62 -27.07 -3.49
C GLY A 165 18.42 -28.05 -2.65
N LYS A 166 19.05 -27.55 -1.59
CA LYS A 166 19.89 -28.35 -0.69
C LYS A 166 20.05 -27.58 0.59
N LYS A 167 20.30 -28.28 1.69
CA LYS A 167 20.58 -27.61 2.95
C LYS A 167 21.94 -26.92 2.84
N ALA A 168 22.03 -25.68 3.32
CA ALA A 168 23.27 -24.92 3.23
C ALA A 168 24.21 -25.25 4.39
N ALA A 169 25.48 -24.84 4.25
CA ALA A 169 26.46 -25.02 5.30
C ALA A 169 26.08 -24.15 6.50
N GLN A 170 26.55 -24.54 7.68
CA GLN A 170 26.22 -23.82 8.91
C GLN A 170 26.61 -22.35 8.81
N ALA A 172 26.74 -20.43 6.32
CA ALA A 172 25.73 -19.78 5.49
C ALA A 172 24.43 -19.53 6.26
N ILE A 173 23.97 -20.54 7.02
CA ILE A 173 22.75 -20.38 7.84
C ILE A 173 22.94 -19.24 8.85
N ASP A 174 24.11 -19.20 9.50
CA ASP A 174 24.38 -18.18 10.51
C ASP A 174 24.32 -16.78 9.91
N CYS A 175 24.97 -16.61 8.76
CA CYS A 175 25.02 -15.30 8.12
C CYS A 175 23.60 -14.84 7.79
N ASN A 177 20.84 -15.77 9.03
CA ASN A 177 20.13 -15.51 10.27
C ASN A 177 20.47 -14.13 10.80
N ALA A 178 21.76 -13.82 10.81
CA ALA A 178 22.22 -12.50 11.23
C ALA A 178 21.62 -11.40 10.35
N SER A 179 21.51 -11.64 9.05
CA SER A 179 21.01 -10.61 8.13
C SER A 179 19.53 -10.31 8.35
N LEU A 180 18.75 -11.35 8.61
CA LEU A 180 17.32 -11.21 8.92
C LEU A 180 17.07 -10.47 10.24
N ILE A 181 17.99 -10.66 11.20
CA ILE A 181 17.97 -9.88 12.43
C ILE A 181 18.28 -8.40 12.12
N LEU A 182 19.35 -8.16 11.39
CA LEU A 182 19.78 -6.80 11.07
C LEU A 182 18.73 -5.99 10.30
N TYR A 183 17.95 -6.64 9.46
CA TYR A 183 16.93 -5.96 8.65
C TYR A 183 15.55 -5.86 9.33
N ALA A 184 15.36 -6.51 10.46
CA ALA A 184 14.02 -6.70 11.08
C ALA A 184 13.19 -5.42 11.32
N GLU A 185 13.83 -4.33 11.72
CA GLU A 185 13.11 -3.14 12.18
C GLU A 185 14.07 -1.97 12.23
N HIS A 186 13.55 -0.78 11.93
CA HIS A 186 14.37 0.42 11.92
C HIS A 186 13.46 1.64 11.99
N GLU A 187 12.73 1.77 13.10
CA GLU A 187 11.97 2.98 13.40
C GLU A 187 10.97 3.30 12.28
N PHE A 188 10.53 4.56 12.23
CA PHE A 188 9.75 5.08 11.14
C PHE A 188 10.64 5.25 9.91
N ASN A 189 10.05 5.00 8.76
CA ASN A 189 10.69 5.08 7.45
C ASN A 189 9.54 4.96 6.44
N ALA A 190 9.80 5.27 5.17
CA ALA A 190 8.76 5.30 4.14
C ALA A 190 7.78 4.13 4.29
N SER A 191 8.37 2.95 4.35
CA SER A 191 7.70 1.67 4.31
C SER A 191 6.92 1.37 5.60
N THR A 192 7.57 1.60 6.74
CA THR A 192 6.92 1.41 8.04
C THR A 192 5.78 2.39 8.19
N PHE A 193 6.01 3.61 7.73
CA PHE A 193 5.02 4.67 7.84
C PHE A 193 3.73 4.39 7.06
N ALA A 194 3.89 3.77 5.89
CA ALA A 194 2.78 3.32 5.06
C ALA A 194 1.96 2.26 5.80
N ALA A 195 2.65 1.38 6.52
CA ALA A 195 1.99 0.38 7.34
C ALA A 195 1.14 1.06 8.40
N ARG A 196 1.68 2.12 9.02
CA ARG A 196 0.92 2.80 10.05
C ARG A 196 -0.24 3.56 9.43
N VAL A 197 0.03 4.28 8.34
CA VAL A 197 -1.00 5.09 7.67
C VAL A 197 -2.20 4.23 7.30
N CYS A 198 -1.89 3.04 6.79
CA CYS A 198 -2.88 2.04 6.45
C CYS A 198 -3.63 1.54 7.69
N SER A 199 -2.91 1.16 8.72
CA SER A 199 -3.54 0.72 9.96
C SER A 199 -4.37 1.82 10.59
N ALA A 200 -4.00 3.08 10.37
CA ALA A 200 -4.67 4.22 11.01
C ALA A 200 -6.13 4.40 10.57
N THR A 201 -6.48 3.83 9.42
CA THR A 201 -7.86 3.83 8.91
C THR A 201 -8.66 2.59 9.34
N LEU A 202 -8.05 1.75 10.17
CA LEU A 202 -8.63 0.47 10.65
C LEU A 202 -8.71 -0.58 9.54
N SER A 203 -7.80 -0.47 8.58
CA SER A 203 -7.64 -1.48 7.54
C SER A 203 -7.16 -2.77 8.19
N ASP A 204 -7.31 -3.89 7.47
CA ASP A 204 -6.81 -5.17 7.95
C ASP A 204 -5.29 -5.23 7.84
N ILE A 205 -4.71 -6.29 8.39
CA ILE A 205 -3.26 -6.46 8.50
C ILE A 205 -2.62 -6.71 7.13
N TYR A 206 -3.27 -7.50 6.31
CA TYR A 206 -2.77 -7.77 4.95
C TYR A 206 -2.71 -6.53 4.07
N SER A 207 -3.70 -5.65 4.18
CA SER A 207 -3.66 -4.36 3.48
C SER A 207 -2.43 -3.51 3.91
N ALA A 208 -2.21 -3.40 5.23
CA ALA A 208 -1.11 -2.60 5.74
C ALA A 208 0.24 -3.14 5.28
N VAL A 209 0.42 -4.46 5.38
CA VAL A 209 1.65 -5.10 4.93
C VAL A 209 1.83 -4.92 3.43
N THR A 210 0.74 -5.06 2.69
CA THR A 210 0.78 -4.94 1.24
C THR A 210 1.20 -3.55 0.83
N ALA A 211 0.73 -2.55 1.57
CA ALA A 211 1.12 -1.16 1.35
C ALA A 211 2.62 -0.95 1.66
N ALA A 212 3.09 -1.51 2.76
CA ALA A 212 4.51 -1.44 3.09
C ALA A 212 5.35 -2.04 1.97
N ILE A 213 4.94 -3.20 1.44
CA ILE A 213 5.65 -3.83 0.33
C ILE A 213 5.63 -2.94 -0.90
N ALA A 214 4.46 -2.38 -1.22
CA ALA A 214 4.36 -1.46 -2.36
C ALA A 214 5.27 -0.22 -2.23
N THR A 215 5.51 0.22 -0.99
CA THR A 215 6.38 1.35 -0.69
C THR A 215 7.85 0.94 -0.72
N LEU A 216 8.15 -0.23 -0.16
CA LEU A 216 9.51 -0.77 -0.15
C LEU A 216 10.02 -1.18 -1.53
N ARG A 217 9.09 -1.41 -2.45
CA ARG A 217 9.36 -1.71 -3.86
C ARG A 217 10.18 -0.62 -4.59
N GLY A 218 10.05 0.62 -4.15
CA GLY A 218 10.85 1.69 -4.74
C GLY A 218 12.32 1.56 -4.41
N PRO A 219 13.20 1.65 -5.43
CA PRO A 219 14.63 1.44 -5.20
C PRO A 219 15.33 2.49 -4.33
N LEU A 220 14.76 3.69 -4.20
CA LEU A 220 15.33 4.69 -3.28
C LEU A 220 15.24 4.26 -1.83
N HIS A 221 14.40 3.27 -1.55
CA HIS A 221 14.15 2.79 -0.20
C HIS A 221 14.58 1.32 -0.01
N GLY A 222 14.15 0.43 -0.90
CA GLY A 222 14.33 -1.02 -0.69
C GLY A 222 15.37 -1.73 -1.53
N GLY A 223 15.98 -1.04 -2.50
CA GLY A 223 16.89 -1.70 -3.43
C GLY A 223 18.33 -1.23 -3.42
N ALA A 224 18.81 -0.72 -2.29
CA ALA A 224 20.15 -0.16 -2.20
C ALA A 224 21.21 -1.26 -2.35
N ASN A 225 21.02 -2.39 -1.67
CA ASN A 225 21.97 -3.49 -1.76
C ASN A 225 22.05 -4.12 -3.14
N GLU A 226 20.93 -4.13 -3.87
CA GLU A 226 20.92 -4.58 -5.26
C GLU A 226 21.72 -3.59 -6.13
N ALA A 227 21.49 -2.31 -5.91
CA ALA A 227 22.24 -1.28 -6.64
C ALA A 227 23.74 -1.33 -6.31
N ALA A 228 24.06 -1.63 -5.05
CA ALA A 228 25.45 -1.77 -4.62
C ALA A 228 26.13 -2.96 -5.31
N ASP A 230 25.29 -4.18 -8.34
CA ASP A 230 25.52 -3.74 -9.73
C ASP A 230 26.83 -2.91 -9.81
N LEU A 231 26.96 -1.97 -8.87
CA LEU A 231 28.14 -1.09 -8.78
C LEU A 231 29.44 -1.86 -8.54
N ILE A 232 29.50 -2.59 -7.42
CA ILE A 232 30.63 -3.48 -7.09
C ILE A 232 31.06 -4.29 -8.31
N LEU A 234 30.92 -3.77 -11.48
CA LEU A 234 31.55 -3.08 -12.61
C LEU A 234 33.07 -3.25 -12.66
N TYR A 235 33.65 -3.82 -11.60
CA TYR A 235 35.09 -3.76 -11.37
C TYR A 235 35.71 -5.14 -11.15
N LYS A 236 36.80 -5.40 -11.87
CA LYS A 236 37.54 -6.66 -11.78
C LYS A 236 38.60 -6.62 -10.68
N THR A 237 39.23 -5.46 -10.52
CA THR A 237 40.29 -5.27 -9.52
C THR A 237 39.99 -4.08 -8.60
N PRO A 238 40.60 -4.03 -7.41
CA PRO A 238 40.55 -2.84 -6.55
C PRO A 238 40.96 -1.54 -7.25
N SER A 239 42.01 -1.59 -8.06
CA SER A 239 42.47 -0.40 -8.78
C SER A 239 41.39 0.19 -9.68
N GLU A 240 40.69 -0.69 -10.40
CA GLU A 240 39.59 -0.27 -11.24
C GLU A 240 38.47 0.36 -10.41
N ALA A 241 38.19 -0.25 -9.26
CA ALA A 241 37.18 0.28 -8.36
C ALA A 241 37.49 1.72 -7.95
N ILE A 242 38.74 2.00 -7.60
CA ILE A 242 39.12 3.31 -7.09
C ILE A 242 39.00 4.39 -8.16
N ALA A 243 39.55 4.16 -9.35
CA ALA A 243 39.46 5.13 -10.44
C ALA A 243 38.01 5.35 -10.90
N GLY A 244 37.22 4.29 -10.89
CA GLY A 244 35.83 4.34 -11.33
C GLY A 244 34.86 5.02 -10.37
N ILE A 245 35.09 4.89 -9.06
CA ILE A 245 34.34 5.63 -8.06
C ILE A 245 34.72 7.10 -8.14
N LYS A 246 36.03 7.36 -8.23
CA LYS A 246 36.53 8.74 -8.32
C LYS A 246 35.93 9.51 -9.50
N ARG A 247 35.65 8.80 -10.60
CA ARG A 247 35.02 9.40 -11.78
C ARG A 247 33.52 9.65 -11.54
N LYS A 248 32.88 8.79 -10.76
CA LYS A 248 31.48 8.99 -10.39
C LYS A 248 31.32 10.14 -9.39
N LEU A 249 32.30 10.33 -8.50
CA LEU A 249 32.26 11.42 -7.52
C LEU A 249 32.48 12.79 -8.16
N ALA A 250 33.49 12.90 -9.03
CA ALA A 250 33.77 14.15 -9.74
C ALA A 250 32.64 14.53 -10.69
N ASN A 251 31.80 13.55 -11.03
CA ASN A 251 30.59 13.74 -11.84
C ASN A 251 29.34 13.99 -10.97
N LYS A 252 29.56 14.42 -9.72
CA LYS A 252 28.47 14.73 -8.77
C LYS A 252 27.58 13.55 -8.33
N GLU A 253 27.41 12.53 -9.17
CA GLU A 253 26.49 11.44 -8.86
C GLU A 253 26.87 10.71 -7.58
N LEU A 254 25.92 9.98 -7.01
CA LEU A 254 26.05 9.51 -5.64
C LEU A 254 25.89 7.99 -5.55
N ILE A 255 26.60 7.42 -4.58
CA ILE A 255 26.84 5.97 -4.51
C ILE A 255 25.96 5.31 -3.46
N GLY A 257 24.63 2.66 -0.68
CA GLY A 257 25.27 1.99 0.45
C GLY A 257 26.10 2.91 1.35
N PHE A 258 26.09 4.21 1.08
CA PHE A 258 26.89 5.15 1.85
C PHE A 258 26.09 6.34 2.38
N GLY A 259 26.30 6.63 3.67
CA GLY A 259 25.63 7.73 4.36
C GLY A 259 24.39 7.21 5.05
N HIS A 260 23.82 8.06 5.90
CA HIS A 260 22.55 7.74 6.54
C HIS A 260 21.89 9.00 7.08
N ALA A 261 20.56 9.04 7.02
CA ALA A 261 19.79 10.20 7.50
C ALA A 261 19.99 10.44 8.99
N VAL A 262 19.94 9.36 9.79
CA VAL A 262 19.94 9.46 11.26
C VAL A 262 21.33 9.25 11.90
N TYR A 263 22.01 8.17 11.54
CA TYR A 263 23.35 7.90 12.08
C TYR A 263 24.37 8.98 11.65
N ARG A 264 25.31 9.31 12.54
CA ARG A 264 26.33 10.35 12.25
C ARG A 264 27.71 9.82 11.89
N GLU A 265 28.19 8.83 12.64
CA GLU A 265 29.57 8.34 12.48
C GLU A 265 29.67 6.96 11.85
N ARG A 266 28.72 6.08 12.16
CA ARG A 266 28.68 4.75 11.58
C ARG A 266 27.31 4.10 11.72
N ASP A 267 27.03 3.11 10.88
CA ASP A 267 25.79 2.34 10.94
C ASP A 267 26.06 1.02 11.65
N PRO A 268 25.61 0.88 12.91
CA PRO A 268 26.02 -0.29 13.70
C PRO A 268 25.72 -1.65 13.05
N ARG A 269 24.74 -1.69 12.14
CA ARG A 269 24.44 -2.91 11.41
C ARG A 269 25.52 -3.25 10.35
N ASN A 270 26.23 -2.23 9.88
CA ASN A 270 27.35 -2.40 8.93
C ASN A 270 28.42 -3.38 9.42
N ALA A 271 28.95 -3.12 10.60
CA ALA A 271 30.03 -3.93 11.17
C ALA A 271 29.66 -5.41 11.26
N ILE A 272 28.41 -5.68 11.61
CA ILE A 272 27.96 -7.05 11.76
C ILE A 272 27.91 -7.75 10.41
N ILE A 273 27.26 -7.13 9.43
CA ILE A 273 27.17 -7.74 8.09
C ILE A 273 28.52 -7.80 7.37
N LYS A 274 29.35 -6.79 7.53
CA LYS A 274 30.68 -6.76 6.90
C LYS A 274 31.54 -7.93 7.40
N SER A 275 31.44 -8.23 8.69
CA SER A 275 32.16 -9.36 9.27
C SER A 275 31.76 -10.68 8.59
N TRP A 276 30.47 -10.84 8.31
CA TRP A 276 29.98 -12.05 7.64
C TRP A 276 30.47 -12.16 6.20
N ALA A 277 30.40 -11.05 5.47
CA ALA A 277 30.94 -10.99 4.13
C ALA A 277 32.43 -11.34 4.13
N GLN A 278 33.14 -10.79 5.10
CA GLN A 278 34.57 -11.04 5.25
C GLN A 278 34.87 -12.51 5.53
N LYS A 279 34.07 -13.13 6.39
CA LYS A 279 34.20 -14.56 6.66
C LYS A 279 33.90 -15.41 5.42
N LEU A 280 32.94 -14.99 4.62
CA LEU A 280 32.48 -15.80 3.48
C LEU A 280 33.38 -15.73 2.24
N ALA A 281 34.15 -14.65 2.10
CA ALA A 281 34.94 -14.41 0.89
C ALA A 281 35.86 -15.58 0.45
N PRO A 282 36.68 -16.12 1.38
CA PRO A 282 37.66 -17.15 0.99
C PRO A 282 37.06 -18.33 0.22
N ASN A 283 35.92 -18.85 0.70
CA ASN A 283 35.30 -20.05 0.15
C ASN A 283 34.38 -19.77 -1.04
N ALA A 284 34.19 -18.50 -1.37
CA ALA A 284 33.32 -18.14 -2.50
C ALA A 284 34.14 -18.20 -3.78
N ALA A 285 33.50 -18.60 -4.89
CA ALA A 285 34.15 -18.58 -6.19
C ALA A 285 34.78 -17.22 -6.43
N ASP A 286 33.97 -16.17 -6.22
CA ASP A 286 34.36 -14.81 -6.55
C ASP A 286 34.50 -13.92 -5.32
N GLY A 287 35.23 -14.42 -4.32
CA GLY A 287 35.49 -13.70 -3.08
C GLY A 287 36.31 -12.44 -3.24
N TYR A 288 36.97 -12.28 -4.38
CA TYR A 288 37.69 -11.04 -4.69
C TYR A 288 36.76 -9.82 -4.57
N LEU A 289 35.46 -10.04 -4.75
CA LEU A 289 34.46 -8.98 -4.62
C LEU A 289 34.46 -8.29 -3.25
N PHE A 290 34.92 -8.96 -2.20
CA PHE A 290 35.01 -8.32 -0.89
C PHE A 290 36.07 -7.22 -0.93
N ASP A 291 37.25 -7.57 -1.44
CA ASP A 291 38.34 -6.62 -1.57
C ASP A 291 37.95 -5.43 -2.46
N ILE A 292 37.11 -5.68 -3.47
CA ILE A 292 36.56 -4.60 -4.31
C ILE A 292 35.71 -3.69 -3.44
N SER A 293 34.77 -4.28 -2.71
CA SER A 293 33.93 -3.52 -1.79
C SER A 293 34.81 -2.77 -0.78
N ASP A 294 35.81 -3.45 -0.23
CA ASP A 294 36.70 -2.85 0.77
C ASP A 294 37.42 -1.64 0.20
N ALA A 295 37.81 -1.70 -1.06
CA ALA A 295 38.48 -0.58 -1.73
C ALA A 295 37.52 0.59 -1.97
N ILE A 296 36.31 0.28 -2.39
CA ILE A 296 35.28 1.30 -2.58
C ILE A 296 35.03 2.01 -1.23
N GLU A 297 34.74 1.25 -0.18
CA GLU A 297 34.59 1.83 1.17
C GLU A 297 35.69 2.80 1.53
N ASN A 298 36.93 2.40 1.27
CA ASN A 298 38.11 3.20 1.60
C ASN A 298 38.14 4.54 0.87
N THR A 299 37.76 4.53 -0.40
CA THR A 299 37.77 5.72 -1.25
C THR A 299 36.66 6.68 -0.84
N GLN A 301 35.51 7.06 2.22
CA GLN A 301 35.95 7.73 3.44
C GLN A 301 36.91 8.83 3.09
N ASP A 302 37.88 8.51 2.23
CA ASP A 302 39.00 9.40 1.89
C ASP A 302 38.59 10.65 1.11
N GLU A 303 37.61 10.48 0.23
CA GLU A 303 37.14 11.55 -0.63
C GLU A 303 35.97 12.34 -0.02
N LYS A 304 34.98 11.63 0.50
CA LYS A 304 33.70 12.23 0.92
C LYS A 304 33.32 11.99 2.39
N LYS A 305 34.27 11.55 3.21
CA LYS A 305 34.02 11.37 4.65
C LYS A 305 32.77 10.52 4.99
N LEU A 306 32.28 9.71 4.06
CA LEU A 306 31.06 8.92 4.30
C LEU A 306 31.37 7.48 4.74
N PHE A 307 30.49 6.92 5.55
CA PHE A 307 30.63 5.56 6.08
C PHE A 307 29.66 4.65 5.30
N PRO A 308 29.94 3.33 5.27
CA PRO A 308 29.03 2.39 4.65
C PRO A 308 27.85 2.04 5.54
N ASN A 309 26.66 1.93 4.95
CA ASN A 309 25.47 1.53 5.70
C ASN A 309 25.19 0.05 5.45
N LEU A 310 24.27 -0.52 6.24
CA LEU A 310 23.90 -1.94 6.15
C LEU A 310 23.87 -2.48 4.70
N ASP A 311 23.24 -1.73 3.82
CA ASP A 311 23.02 -2.19 2.46
C ASP A 311 24.29 -2.42 1.65
N PHE A 312 25.42 -1.82 2.05
CA PHE A 312 26.63 -1.96 1.24
C PHE A 312 27.22 -3.37 1.27
N TYR A 313 27.58 -3.87 2.45
CA TYR A 313 28.15 -5.22 2.58
C TYR A 313 27.10 -6.33 2.67
N SER A 314 25.85 -5.93 2.86
CA SER A 314 24.72 -6.81 2.59
C SER A 314 24.81 -7.35 1.18
N ALA A 315 25.25 -6.51 0.25
CA ALA A 315 25.46 -6.92 -1.14
C ALA A 315 26.35 -8.16 -1.28
N THR A 316 27.58 -8.11 -0.78
CA THR A 316 28.49 -9.25 -0.92
C THR A 316 28.08 -10.44 -0.07
N ALA A 317 27.53 -10.19 1.11
CA ALA A 317 27.08 -11.26 1.99
C ALA A 317 26.04 -12.13 1.27
N TYR A 318 24.98 -11.50 0.80
CA TYR A 318 23.93 -12.24 0.10
C TYR A 318 24.49 -12.90 -1.16
N HIS A 319 25.37 -12.21 -1.87
CA HIS A 319 25.98 -12.77 -3.07
C HIS A 319 26.82 -14.02 -2.76
N PHE A 320 27.54 -13.99 -1.65
CA PHE A 320 28.31 -15.16 -1.23
C PHE A 320 27.39 -16.25 -0.68
N LEU A 321 26.15 -15.91 -0.34
CA LEU A 321 25.18 -16.95 -0.01
C LEU A 321 24.51 -17.56 -1.25
N ASN A 322 25.06 -17.25 -2.43
CA ASN A 322 24.54 -17.72 -3.73
C ASN A 322 23.11 -17.24 -4.05
N ILE A 323 22.75 -16.10 -3.49
CA ILE A 323 21.46 -15.47 -3.79
C ILE A 323 21.61 -14.72 -5.12
N PRO A 324 20.74 -14.98 -6.10
CA PRO A 324 20.75 -14.10 -7.27
C PRO A 324 20.47 -12.66 -6.88
N THR A 325 21.12 -11.72 -7.55
CA THR A 325 21.02 -10.31 -7.20
C THR A 325 19.59 -9.76 -7.23
N LYS A 326 18.79 -10.20 -8.19
CA LYS A 326 17.41 -9.72 -8.36
C LYS A 326 16.52 -10.13 -7.18
N LEU A 327 16.94 -11.19 -6.49
CA LEU A 327 16.20 -11.73 -5.36
C LEU A 327 16.70 -11.18 -4.02
N PHE A 328 17.54 -10.15 -4.03
CA PHE A 328 17.93 -9.49 -2.79
C PHE A 328 16.72 -8.86 -2.12
N THR A 329 15.99 -8.03 -2.86
CA THR A 329 14.90 -7.21 -2.31
C THR A 329 13.79 -7.97 -1.56
N PRO A 330 13.26 -9.08 -2.12
CA PRO A 330 12.31 -9.82 -1.30
C PRO A 330 12.81 -10.26 0.10
N ILE A 331 14.11 -10.42 0.29
CA ILE A 331 14.62 -10.78 1.62
C ILE A 331 14.32 -9.68 2.63
N PHE A 332 14.29 -8.43 2.17
CA PHE A 332 13.95 -7.28 3.00
C PHE A 332 12.55 -7.47 3.58
N VAL A 333 11.65 -8.02 2.77
CA VAL A 333 10.26 -8.24 3.17
C VAL A 333 10.19 -9.36 4.21
N SER A 335 12.30 -10.17 6.35
CA SER A 335 12.80 -9.65 7.63
C SER A 335 11.93 -8.57 8.24
N ARG A 336 11.65 -7.53 7.44
CA ARG A 336 11.00 -6.32 7.93
C ARG A 336 9.52 -6.49 8.25
N VAL A 337 8.89 -7.53 7.69
CA VAL A 337 7.50 -7.86 8.05
C VAL A 337 7.31 -7.89 9.58
N THR A 338 8.33 -8.35 10.32
CA THR A 338 8.30 -8.35 11.79
C THR A 338 8.18 -6.93 12.39
N GLY A 339 9.04 -6.02 11.94
CA GLY A 339 8.95 -4.62 12.32
C GLY A 339 7.61 -4.04 11.91
N TRP A 340 7.22 -4.29 10.66
CA TRP A 340 5.95 -3.81 10.16
C TRP A 340 4.80 -4.22 11.06
N CYS A 341 4.72 -5.52 11.37
CA CYS A 341 3.62 -6.00 12.19
C CYS A 341 3.67 -5.38 13.58
N ALA A 342 4.87 -5.26 14.13
CA ALA A 342 5.07 -4.60 15.42
C ALA A 342 4.42 -3.23 15.44
N HIS A 343 4.68 -2.45 14.38
CA HIS A 343 4.20 -1.07 14.28
C HIS A 343 2.68 -1.00 14.07
N ILE A 344 2.15 -1.95 13.31
CA ILE A 344 0.70 -2.06 13.07
C ILE A 344 -0.09 -2.33 14.37
N PHE A 345 0.43 -3.22 15.21
CA PHE A 345 -0.19 -3.50 16.51
C PHE A 345 -0.21 -2.26 17.41
N GLU A 346 0.92 -1.56 17.43
CA GLU A 346 1.11 -0.39 18.28
C GLU A 346 0.21 0.77 17.83
N GLN A 347 0.14 0.97 16.52
CA GLN A 347 -0.76 1.97 15.92
C GLN A 347 -2.23 1.69 16.24
N ARG A 348 -2.61 0.41 16.23
CA ARG A 348 -3.99 0.01 16.52
C ARG A 348 -4.37 0.25 17.97
N LYS A 349 -3.39 0.20 18.86
CA LYS A 349 -3.61 0.44 20.29
C LYS A 349 -3.58 1.91 20.68
N ASP A 350 -2.89 2.74 19.91
CA ASP A 350 -3.01 4.18 20.08
C ASP A 350 -3.24 4.84 18.74
N ASN A 351 -4.48 4.78 18.27
CA ASN A 351 -4.78 5.13 16.88
C ASN A 351 -4.88 6.63 16.69
N ARG A 352 -3.71 7.24 16.74
CA ARG A 352 -3.51 8.65 16.47
C ARG A 352 -2.57 8.77 15.29
N ILE A 353 -2.91 9.65 14.35
CA ILE A 353 -2.03 9.95 13.20
C ILE A 353 -2.31 11.39 12.75
N ILE A 354 -1.25 12.09 12.33
CA ILE A 354 -1.43 13.46 11.82
C ILE A 354 -2.10 13.36 10.44
N ARG A 355 -3.24 14.04 10.31
CA ARG A 355 -3.95 14.18 9.03
C ARG A 355 -3.18 15.16 8.11
N PRO A 356 -2.69 14.70 6.95
CA PRO A 356 -1.81 15.54 6.14
C PRO A 356 -2.57 16.59 5.33
N ASN A 357 -2.15 17.84 5.47
CA ASN A 357 -2.64 18.94 4.62
C ASN A 357 -1.59 19.29 3.57
N ALA A 358 -2.04 19.79 2.42
CA ALA A 358 -1.13 20.24 1.39
C ALA A 358 -1.21 21.74 1.29
N ASP A 359 -0.14 22.34 0.79
CA ASP A 359 -0.14 23.75 0.43
C ASP A 359 -0.58 23.79 -1.03
N TYR A 360 -1.55 24.62 -1.35
CA TYR A 360 -2.04 24.71 -2.72
C TYR A 360 -1.18 25.66 -3.55
N ILE A 361 -0.70 25.15 -4.68
CA ILE A 361 0.18 25.88 -5.58
C ILE A 361 -0.45 25.97 -6.98
N GLY A 362 -1.74 25.65 -7.08
CA GLY A 362 -2.41 25.55 -8.37
C GLY A 362 -3.10 26.82 -8.83
N PRO A 363 -3.95 26.70 -9.85
CA PRO A 363 -4.64 27.87 -10.41
C PRO A 363 -5.76 28.42 -9.52
N GLU A 364 -6.09 29.69 -9.72
CA GLU A 364 -7.22 30.30 -9.03
C GLU A 364 -8.51 29.82 -9.67
N GLU A 365 -9.64 30.18 -9.07
CA GLU A 365 -10.94 29.73 -9.54
C GLU A 365 -11.20 30.14 -11.00
N GLN A 366 -11.38 29.13 -11.85
CA GLN A 366 -11.62 29.34 -13.27
C GLN A 366 -13.12 29.39 -13.56
N GLY A 367 -13.50 30.27 -14.48
CA GLY A 367 -14.85 30.31 -15.01
C GLY A 367 -15.08 29.09 -15.87
N TRP A 368 -16.32 28.61 -15.91
CA TRP A 368 -16.63 27.39 -16.66
C TRP A 368 -16.58 27.67 -18.15
N VAL A 369 -16.04 26.71 -18.92
CA VAL A 369 -16.05 26.80 -20.39
C VAL A 369 -16.81 25.61 -20.97
N PRO A 370 -17.98 25.87 -21.58
CA PRO A 370 -18.71 24.78 -22.25
C PRO A 370 -17.85 24.06 -23.28
N ILE A 371 -18.03 22.76 -23.40
CA ILE A 371 -17.21 21.94 -24.30
C ILE A 371 -17.21 22.47 -25.74
N GLU A 372 -18.34 22.98 -26.23
CA GLU A 372 -18.41 23.54 -27.59
C GLU A 372 -17.39 24.67 -27.78
N LYS A 373 -16.97 25.25 -26.67
CA LYS A 373 -16.24 26.50 -26.66
C LYS A 373 -14.74 26.34 -26.44
N ARG A 374 -14.28 25.11 -26.22
CA ARG A 374 -12.87 24.88 -25.88
C ARG A 374 -11.96 24.87 -27.11
N ARG A 375 -10.76 25.41 -26.95
CA ARG A 375 -9.84 25.67 -28.06
C ARG A 375 -10.57 26.19 -29.31
N GLN B 14 0.05 21.22 9.43
CA GLN B 14 0.29 19.76 9.19
C GLN B 14 0.68 19.52 7.72
N SER B 15 1.61 20.35 7.22
CA SER B 15 1.97 20.41 5.80
C SER B 15 2.83 19.23 5.33
N ALA B 16 2.28 18.41 4.44
CA ALA B 16 2.96 17.22 3.95
C ALA B 16 3.56 17.42 2.55
N GLY B 17 3.35 18.59 1.96
CA GLY B 17 3.83 18.86 0.61
C GLY B 17 3.00 19.89 -0.14
N GLU B 18 2.96 19.74 -1.47
CA GLU B 18 2.39 20.75 -2.36
C GLU B 18 1.62 20.12 -3.53
N THR B 19 0.48 20.71 -3.89
CA THR B 19 -0.28 20.28 -5.05
C THR B 19 -0.90 21.43 -5.84
N SER B 20 -1.07 21.21 -7.14
CA SER B 20 -1.79 22.13 -8.04
C SER B 20 -3.13 21.53 -8.46
N ILE B 21 -3.44 20.33 -7.95
CA ILE B 21 -4.50 19.49 -8.50
C ILE B 21 -5.90 19.91 -8.07
N ALA B 22 -6.06 20.13 -6.78
CA ALA B 22 -7.37 20.35 -6.19
C ALA B 22 -7.21 21.13 -4.92
N THR B 23 -8.27 21.86 -4.55
CA THR B 23 -8.27 22.61 -3.30
C THR B 23 -9.64 22.75 -2.70
N VAL B 24 -9.67 22.72 -1.36
CA VAL B 24 -10.76 23.28 -0.58
C VAL B 24 -10.51 24.80 -0.46
N GLY B 25 -11.56 25.61 -0.49
CA GLY B 25 -11.43 27.09 -0.43
C GLY B 25 -10.66 27.70 0.75
N LYS B 26 -10.48 29.02 0.69
CA LYS B 26 -9.53 29.74 1.57
C LYS B 26 -10.03 29.90 2.99
N GLU B 27 -11.30 30.29 3.12
CA GLU B 27 -11.98 30.32 4.42
C GLU B 27 -12.76 29.02 4.61
N GLY B 28 -12.24 27.93 3.99
CA GLY B 28 -12.85 26.60 4.04
C GLY B 28 -14.08 26.35 3.16
N HIS B 29 -14.22 27.14 2.09
CA HIS B 29 -15.42 27.10 1.23
C HIS B 29 -15.11 26.67 -0.23
N GLY B 30 -15.79 25.63 -0.69
CA GLY B 30 -15.90 25.38 -2.13
C GLY B 30 -14.70 24.69 -2.78
N LEU B 31 -14.97 23.53 -3.34
CA LEU B 31 -13.98 22.63 -3.88
C LEU B 31 -13.73 22.91 -5.37
N THR B 32 -12.49 22.72 -5.81
CA THR B 32 -12.16 22.81 -7.23
C THR B 32 -11.18 21.71 -7.66
N TYR B 33 -11.29 21.30 -8.93
CA TYR B 33 -10.30 20.46 -9.58
C TYR B 33 -9.60 21.34 -10.62
N ARG B 34 -8.27 21.47 -10.50
CA ARG B 34 -7.48 22.33 -11.38
C ARG B 34 -8.19 23.64 -11.68
N GLY B 35 -8.77 24.24 -10.65
CA GLY B 35 -9.41 25.56 -10.73
C GLY B 35 -10.89 25.58 -11.05
N TYR B 36 -11.41 24.49 -11.60
CA TYR B 36 -12.82 24.43 -12.00
C TYR B 36 -13.70 23.97 -10.84
N ARG B 37 -14.81 24.69 -10.62
CA ARG B 37 -15.68 24.39 -9.48
C ARG B 37 -16.29 23.02 -9.63
N ILE B 38 -16.45 22.32 -8.51
CA ILE B 38 -17.10 21.01 -8.50
C ILE B 38 -18.57 21.15 -8.93
N GLU B 39 -19.19 22.29 -8.62
CA GLU B 39 -20.58 22.52 -9.03
C GLU B 39 -20.71 22.55 -10.55
N ASP B 40 -19.70 23.08 -11.23
CA ASP B 40 -19.72 23.19 -12.69
C ASP B 40 -19.44 21.82 -13.30
N LEU B 41 -18.44 21.13 -12.75
CA LEU B 41 -18.04 19.81 -13.22
C LEU B 41 -19.17 18.78 -13.08
N ALA B 42 -19.73 18.66 -11.88
CA ALA B 42 -20.81 17.71 -11.62
C ALA B 42 -22.07 18.01 -12.42
N ALA B 43 -22.32 19.28 -12.70
CA ALA B 43 -23.50 19.68 -13.48
C ALA B 43 -23.33 19.44 -14.98
N ASN B 44 -22.12 19.69 -15.49
CA ASN B 44 -21.90 19.85 -16.92
C ASN B 44 -21.00 18.83 -17.59
N ALA B 45 -20.22 18.06 -16.82
CA ALA B 45 -19.21 17.19 -17.38
C ALA B 45 -19.54 15.70 -17.25
N THR B 46 -18.97 14.90 -18.14
CA THR B 46 -18.94 13.44 -17.97
C THR B 46 -17.74 13.11 -17.10
N PHE B 47 -17.75 11.92 -16.50
CA PHE B 47 -16.64 11.44 -15.66
C PHE B 47 -15.36 11.34 -16.48
N GLU B 48 -15.48 10.81 -17.69
CA GLU B 48 -14.34 10.75 -18.63
C GLU B 48 -13.67 12.10 -18.78
N GLU B 49 -14.48 13.15 -18.80
CA GLU B 49 -14.05 14.52 -18.96
C GLU B 49 -13.20 14.98 -17.77
N VAL B 50 -13.67 14.69 -16.57
CA VAL B 50 -12.95 15.04 -15.35
C VAL B 50 -11.74 14.16 -15.15
N ALA B 51 -11.80 12.91 -15.61
CA ALA B 51 -10.61 12.07 -15.60
C ALA B 51 -9.58 12.63 -16.56
N TYR B 52 -10.04 13.25 -17.65
CA TYR B 52 -9.14 13.88 -18.59
C TYR B 52 -8.50 15.11 -17.94
N LEU B 53 -9.32 15.91 -17.27
CA LEU B 53 -8.83 17.11 -16.59
C LEU B 53 -7.75 16.74 -15.57
N LEU B 54 -8.06 15.72 -14.77
CA LEU B 54 -7.19 15.28 -13.70
C LEU B 54 -5.95 14.63 -14.27
N LEU B 55 -6.12 13.68 -15.18
CA LEU B 55 -4.99 12.89 -15.67
C LEU B 55 -4.13 13.64 -16.68
N LYS B 56 -4.76 14.50 -17.50
CA LYS B 56 -4.07 15.19 -18.60
C LYS B 56 -3.82 16.70 -18.42
N ASN B 57 -4.38 17.31 -17.37
CA ASN B 57 -4.17 18.72 -17.01
C ASN B 57 -4.88 19.75 -17.89
N LYS B 58 -5.96 19.35 -18.55
CA LYS B 58 -6.83 20.32 -19.24
C LYS B 58 -8.20 19.73 -19.49
N LEU B 59 -9.18 20.60 -19.67
CA LEU B 59 -10.51 20.19 -20.09
C LEU B 59 -10.43 19.83 -21.57
N PRO B 60 -10.90 18.63 -21.95
CA PRO B 60 -10.80 18.22 -23.34
C PRO B 60 -11.80 18.94 -24.25
N THR B 61 -11.43 19.15 -25.50
CA THR B 61 -12.38 19.55 -26.51
C THR B 61 -13.26 18.35 -26.86
N LYS B 62 -14.27 18.59 -27.69
CA LYS B 62 -15.17 17.54 -28.17
C LYS B 62 -14.40 16.39 -28.80
N SER B 63 -13.50 16.70 -29.73
CA SER B 63 -12.68 15.69 -30.41
C SER B 63 -11.84 14.88 -29.44
N GLU B 64 -11.17 15.58 -28.53
CA GLU B 64 -10.31 14.95 -27.54
C GLU B 64 -11.12 14.00 -26.66
N LEU B 65 -12.29 14.46 -26.21
CA LEU B 65 -13.21 13.65 -25.42
C LEU B 65 -13.65 12.40 -26.19
N ASP B 66 -14.05 12.59 -27.45
CA ASP B 66 -14.47 11.48 -28.33
C ASP B 66 -13.39 10.40 -28.39
N ALA B 67 -12.14 10.81 -28.63
CA ALA B 67 -11.03 9.88 -28.74
C ALA B 67 -10.75 9.19 -27.42
N TYR B 68 -10.72 9.97 -26.35
CA TYR B 68 -10.45 9.44 -25.03
C TYR B 68 -11.52 8.44 -24.65
N THR B 69 -12.76 8.84 -24.83
CA THR B 69 -13.91 8.00 -24.50
C THR B 69 -13.83 6.67 -25.23
N LYS B 70 -13.34 6.69 -26.48
CA LYS B 70 -13.18 5.49 -27.30
C LYS B 70 -11.97 4.64 -26.87
N LYS B 71 -10.88 5.30 -26.51
CA LYS B 71 -9.71 4.59 -26.01
C LYS B 71 -10.08 3.73 -24.81
N LEU B 72 -10.86 4.28 -23.88
CA LEU B 72 -11.25 3.55 -22.66
C LEU B 72 -12.19 2.39 -22.93
N VAL B 73 -13.10 2.55 -23.89
CA VAL B 73 -14.03 1.49 -24.27
C VAL B 73 -13.31 0.25 -24.82
N ASN B 74 -12.18 0.46 -25.50
CA ASN B 74 -11.36 -0.64 -26.03
C ASN B 74 -10.32 -1.18 -25.03
N LEU B 75 -10.35 -0.68 -23.79
CA LEU B 75 -9.49 -1.18 -22.69
C LEU B 75 -10.31 -1.95 -21.62
N ARG B 76 -11.36 -2.63 -22.06
CA ARG B 76 -12.30 -3.32 -21.19
C ARG B 76 -12.11 -4.84 -21.17
N SER B 77 -10.96 -5.29 -21.65
CA SER B 77 -10.60 -6.70 -21.68
C SER B 77 -9.84 -7.09 -20.40
N LEU B 78 -10.27 -8.18 -19.76
CA LEU B 78 -9.57 -8.69 -18.59
C LEU B 78 -8.63 -9.81 -19.07
N PRO B 79 -7.32 -9.69 -18.76
CA PRO B 79 -6.40 -10.75 -19.19
C PRO B 79 -6.79 -12.11 -18.59
N PRO B 80 -6.56 -13.21 -19.35
CA PRO B 80 -6.93 -14.55 -18.88
C PRO B 80 -6.41 -14.92 -17.50
N ALA B 81 -5.15 -14.60 -17.21
CA ALA B 81 -4.59 -14.91 -15.88
C ALA B 81 -5.22 -14.02 -14.77
N LEU B 82 -5.73 -12.85 -15.13
CA LEU B 82 -6.46 -12.00 -14.14
C LEU B 82 -7.82 -12.60 -13.79
N LYS B 83 -8.56 -13.02 -14.82
CA LYS B 83 -9.82 -13.73 -14.61
C LYS B 83 -9.56 -14.97 -13.76
N ASP B 84 -8.53 -15.76 -14.13
CA ASP B 84 -8.13 -16.93 -13.35
C ASP B 84 -8.04 -16.59 -11.86
N THR B 85 -7.40 -15.46 -11.55
CA THR B 85 -7.15 -15.05 -10.16
C THR B 85 -8.44 -14.59 -9.46
N LEU B 86 -9.25 -13.78 -10.14
CA LEU B 86 -10.50 -13.29 -9.57
C LEU B 86 -11.43 -14.44 -9.31
N GLU B 87 -11.39 -15.45 -10.18
CA GLU B 87 -12.23 -16.63 -10.02
C GLU B 87 -11.86 -17.44 -8.78
N ARG B 88 -10.66 -17.20 -8.26
CA ARG B 88 -10.17 -17.93 -7.10
C ARG B 88 -10.27 -17.12 -5.81
N ILE B 89 -10.65 -15.84 -5.87
CA ILE B 89 -10.95 -15.08 -4.65
C ILE B 89 -12.35 -15.45 -4.17
N PRO B 90 -12.48 -15.89 -2.91
CA PRO B 90 -13.77 -16.34 -2.39
C PRO B 90 -14.82 -15.25 -2.26
N ALA B 91 -16.08 -15.68 -2.36
CA ALA B 91 -17.23 -14.79 -2.25
C ALA B 91 -17.24 -14.01 -0.94
N SER B 92 -16.77 -14.65 0.12
CA SER B 92 -16.67 -14.04 1.45
C SER B 92 -15.60 -12.96 1.61
N SER B 93 -14.64 -12.92 0.71
CA SER B 93 -13.59 -11.88 0.76
C SER B 93 -14.20 -10.49 0.61
N HIS B 94 -13.64 -9.51 1.31
CA HIS B 94 -14.08 -8.12 1.24
C HIS B 94 -13.87 -7.55 -0.16
N PRO B 95 -14.90 -6.93 -0.76
CA PRO B 95 -14.80 -6.40 -2.11
C PRO B 95 -13.61 -5.45 -2.38
N ASP B 97 -10.64 -5.87 -0.95
CA ASP B 97 -9.49 -6.79 -1.06
C ASP B 97 -9.43 -7.40 -2.46
N VAL B 98 -10.58 -7.47 -3.12
CA VAL B 98 -10.64 -7.94 -4.50
C VAL B 98 -9.99 -6.92 -5.41
N ARG B 100 -7.75 -4.62 -4.41
CA ARG B 100 -6.34 -4.67 -4.01
C ARG B 100 -5.59 -5.72 -4.82
N THR B 101 -6.07 -6.96 -4.76
CA THR B 101 -5.41 -8.07 -5.46
C THR B 101 -5.49 -7.87 -6.97
N GLY B 102 -6.67 -7.51 -7.44
CA GLY B 102 -6.89 -7.30 -8.86
C GLY B 102 -5.91 -6.31 -9.46
N CYS B 103 -5.71 -5.19 -8.76
CA CYS B 103 -4.76 -4.17 -9.19
C CYS B 103 -3.35 -4.73 -9.19
N SER B 104 -2.96 -5.34 -8.08
CA SER B 104 -1.62 -5.89 -7.95
C SER B 104 -1.30 -6.92 -9.03
N LEU B 106 -2.84 -7.35 -12.02
CA LEU B 106 -2.75 -6.66 -13.30
C LEU B 106 -1.36 -6.09 -13.46
N GLY B 107 -0.82 -5.52 -12.38
CA GLY B 107 0.53 -4.98 -12.39
C GLY B 107 1.64 -5.98 -12.70
N ASN B 108 1.42 -7.23 -12.30
CA ASN B 108 2.31 -8.33 -12.68
C ASN B 108 2.19 -8.68 -14.15
N LEU B 109 0.97 -8.61 -14.69
CA LEU B 109 0.72 -9.03 -16.06
C LEU B 109 1.01 -7.92 -17.06
N GLU B 110 0.68 -6.68 -16.71
CA GLU B 110 0.88 -5.52 -17.60
C GLU B 110 1.71 -4.45 -16.90
N PRO B 111 2.96 -4.77 -16.54
CA PRO B 111 3.80 -3.85 -15.78
C PRO B 111 4.00 -2.49 -16.44
N GLU B 112 4.10 -1.45 -15.62
CA GLU B 112 4.32 -0.09 -16.11
C GLU B 112 5.65 0.03 -16.83
N ASN B 113 6.68 -0.64 -16.29
CA ASN B 113 8.05 -0.45 -16.76
C ASN B 113 8.41 1.04 -16.65
N GLY B 114 9.04 1.64 -17.65
CA GLY B 114 9.44 3.02 -17.47
C GLY B 114 8.27 3.96 -17.18
N PHE B 115 8.56 5.07 -16.52
CA PHE B 115 7.53 6.03 -16.11
C PHE B 115 6.87 6.77 -17.27
N GLU B 116 7.49 6.75 -18.46
CA GLU B 116 6.89 7.37 -19.64
C GLU B 116 5.54 6.74 -20.01
N ASN B 117 5.24 5.58 -19.43
CA ASN B 117 3.95 4.91 -19.60
C ASN B 117 2.89 5.27 -18.55
N GLU B 118 3.25 6.09 -17.56
CA GLU B 118 2.31 6.64 -16.58
C GLU B 118 0.84 6.73 -17.04
N GLN B 119 0.61 7.55 -18.08
CA GLN B 119 -0.72 7.91 -18.54
C GLN B 119 -1.47 6.70 -19.06
N ASN B 120 -0.77 5.84 -19.79
CA ASN B 120 -1.39 4.66 -20.39
C ASN B 120 -1.85 3.67 -19.32
N ILE B 121 -1.09 3.55 -18.24
CA ILE B 121 -1.48 2.64 -17.15
C ILE B 121 -2.68 3.23 -16.40
N ALA B 122 -2.61 4.51 -16.06
CA ALA B 122 -3.77 5.21 -15.46
C ALA B 122 -5.02 5.00 -16.29
N ASP B 123 -4.92 5.23 -17.60
CA ASP B 123 -6.05 5.00 -18.51
C ASP B 123 -6.55 3.53 -18.46
N ARG B 124 -5.63 2.58 -18.43
CA ARG B 124 -5.99 1.17 -18.31
C ARG B 124 -6.74 0.88 -17.00
N LEU B 125 -6.28 1.47 -15.89
CA LEU B 125 -6.89 1.26 -14.58
C LEU B 125 -8.28 1.87 -14.45
N VAL B 126 -8.42 3.11 -14.94
CA VAL B 126 -9.72 3.77 -14.96
C VAL B 126 -10.71 2.94 -15.80
N ALA B 127 -10.24 2.36 -16.90
CA ALA B 127 -11.12 1.64 -17.82
C ALA B 127 -11.54 0.26 -17.30
N ILE B 128 -10.65 -0.41 -16.57
CA ILE B 128 -10.83 -1.83 -16.24
C ILE B 128 -11.32 -2.08 -14.83
N PHE B 129 -11.17 -1.12 -13.92
CA PHE B 129 -11.53 -1.36 -12.53
C PHE B 129 -12.99 -1.80 -12.37
N PRO B 130 -13.91 -1.21 -13.13
CA PRO B 130 -15.29 -1.66 -12.96
C PRO B 130 -15.47 -3.13 -13.30
N ALA B 131 -14.71 -3.61 -14.28
CA ALA B 131 -14.79 -5.01 -14.73
C ALA B 131 -14.20 -5.97 -13.72
N ILE B 132 -13.08 -5.57 -13.10
CA ILE B 132 -12.43 -6.41 -12.10
C ILE B 132 -13.44 -6.72 -10.99
N GLN B 133 -14.12 -5.69 -10.48
CA GLN B 133 -15.05 -5.90 -9.37
C GLN B 133 -16.23 -6.78 -9.81
N CYS B 134 -16.87 -6.39 -10.91
CA CYS B 134 -18.07 -7.07 -11.36
C CYS B 134 -17.82 -8.51 -11.83
N TYR B 135 -16.72 -8.77 -12.53
CA TYR B 135 -16.39 -10.14 -12.95
C TYR B 135 -16.22 -11.04 -11.76
N TRP B 136 -15.49 -10.57 -10.76
CA TRP B 136 -15.36 -11.30 -9.51
C TRP B 136 -16.72 -11.49 -8.82
N TYR B 137 -17.49 -10.41 -8.77
CA TYR B 137 -18.76 -10.46 -8.08
C TYR B 137 -19.65 -11.54 -8.68
N HIS B 138 -19.82 -11.49 -10.00
CA HIS B 138 -20.70 -12.44 -10.65
C HIS B 138 -20.19 -13.87 -10.65
N TYR B 139 -18.88 -14.08 -10.82
CA TYR B 139 -18.37 -15.43 -10.79
C TYR B 139 -18.47 -16.04 -9.37
N SER B 140 -18.02 -15.30 -8.39
CA SER B 140 -17.94 -15.80 -7.01
C SER B 140 -19.31 -15.93 -6.36
N HIS B 141 -20.23 -15.05 -6.71
CA HIS B 141 -21.56 -15.10 -6.10
C HIS B 141 -22.58 -15.93 -6.89
N HIS B 142 -22.42 -16.04 -8.21
CA HIS B 142 -23.42 -16.70 -9.05
C HIS B 142 -22.85 -17.77 -10.00
N GLY B 143 -21.54 -18.01 -9.96
CA GLY B 143 -20.90 -19.00 -10.83
C GLY B 143 -20.89 -18.68 -12.32
N LYS B 144 -21.02 -17.39 -12.64
CA LYS B 144 -21.20 -16.90 -13.99
C LYS B 144 -19.99 -16.07 -14.43
N ARG B 145 -19.46 -16.37 -15.62
CA ARG B 145 -18.41 -15.53 -16.20
C ARG B 145 -19.07 -14.49 -17.10
N ILE B 146 -19.12 -13.23 -16.67
CA ILE B 146 -19.73 -12.18 -17.48
C ILE B 146 -18.82 -11.70 -18.60
N ASP B 147 -19.45 -11.24 -19.69
CA ASP B 147 -18.76 -10.53 -20.76
C ASP B 147 -18.47 -9.11 -20.32
N THR B 148 -17.19 -8.74 -20.27
CA THR B 148 -16.79 -7.37 -19.88
C THR B 148 -16.50 -6.44 -21.05
N GLU B 149 -16.46 -6.96 -22.27
CA GLU B 149 -16.21 -6.13 -23.45
C GLU B 149 -17.55 -5.63 -24.01
N LEU B 150 -18.11 -4.64 -23.32
CA LEU B 150 -19.43 -4.10 -23.64
C LEU B 150 -19.28 -2.79 -24.43
N ASP B 151 -20.33 -2.41 -25.16
CA ASP B 151 -20.25 -1.24 -26.05
C ASP B 151 -20.75 0.08 -25.42
N ASP B 152 -21.02 0.09 -24.12
CA ASP B 152 -21.50 1.32 -23.46
C ASP B 152 -20.52 2.46 -23.66
N LEU B 153 -21.03 3.56 -24.20
CA LEU B 153 -20.19 4.72 -24.51
C LEU B 153 -19.63 5.40 -23.26
N THR B 154 -20.30 5.27 -22.11
CA THR B 154 -19.88 5.98 -20.89
C THR B 154 -19.45 5.00 -19.81
N LEU B 155 -18.57 5.45 -18.94
CA LEU B 155 -18.06 4.65 -17.86
C LEU B 155 -19.10 4.43 -16.78
N ALA B 156 -19.95 5.43 -16.54
CA ALA B 156 -21.05 5.28 -15.60
C ALA B 156 -22.00 4.17 -16.05
N GLY B 157 -22.37 4.21 -17.33
CA GLY B 157 -23.29 3.21 -17.89
C GLY B 157 -22.67 1.84 -17.93
N TYR B 158 -21.37 1.79 -18.21
CA TYR B 158 -20.62 0.56 -18.29
C TYR B 158 -20.71 -0.23 -16.98
N PHE B 159 -20.34 0.44 -15.90
CA PHE B 159 -20.40 -0.17 -14.58
C PHE B 159 -21.80 -0.74 -14.29
N LEU B 160 -22.82 0.10 -14.47
CA LEU B 160 -24.20 -0.30 -14.19
C LEU B 160 -24.68 -1.45 -15.08
N HIS B 161 -24.13 -1.51 -16.30
CA HIS B 161 -24.41 -2.62 -17.23
C HIS B 161 -23.74 -3.91 -16.74
N LEU B 162 -22.45 -3.83 -16.40
CA LEU B 162 -21.73 -5.00 -15.89
C LEU B 162 -22.38 -5.55 -14.62
N LEU B 163 -22.79 -4.64 -13.74
CA LEU B 163 -23.32 -5.02 -12.44
C LEU B 163 -24.71 -5.62 -12.55
N LEU B 164 -25.62 -4.93 -13.26
CA LEU B 164 -27.03 -5.31 -13.27
C LEU B 164 -27.46 -6.15 -14.47
N GLY B 165 -26.59 -6.29 -15.48
CA GLY B 165 -26.85 -7.20 -16.61
C GLY B 165 -27.73 -6.66 -17.71
N LYS B 166 -28.06 -5.37 -17.64
CA LYS B 166 -28.88 -4.71 -18.66
C LYS B 166 -28.51 -3.24 -18.69
N LYS B 167 -28.65 -2.61 -19.85
CA LYS B 167 -28.31 -1.19 -20.02
C LYS B 167 -29.18 -0.31 -19.11
N ALA B 168 -28.57 0.73 -18.56
CA ALA B 168 -29.24 1.56 -17.56
C ALA B 168 -30.09 2.69 -18.19
N ALA B 169 -31.11 3.12 -17.46
CA ALA B 169 -31.90 4.28 -17.87
C ALA B 169 -31.00 5.51 -17.83
N GLN B 170 -31.42 6.56 -18.53
CA GLN B 170 -30.62 7.77 -18.63
C GLN B 170 -30.40 8.47 -17.30
N ALA B 172 -30.37 7.15 -14.27
CA ALA B 172 -29.36 6.34 -13.61
C ALA B 172 -27.93 6.67 -14.09
N ILE B 173 -27.73 6.77 -15.41
CA ILE B 173 -26.39 7.07 -15.91
C ILE B 173 -25.92 8.41 -15.36
N ASP B 174 -26.82 9.39 -15.38
CA ASP B 174 -26.48 10.75 -15.02
C ASP B 174 -26.08 10.87 -13.56
N CYS B 175 -26.80 10.17 -12.71
CA CYS B 175 -26.52 10.19 -11.29
C CYS B 175 -25.18 9.53 -10.99
N ASN B 177 -22.72 9.00 -13.04
CA ASN B 177 -21.73 9.89 -13.59
C ASN B 177 -21.37 11.03 -12.66
N ALA B 178 -22.38 11.67 -12.06
CA ALA B 178 -22.12 12.80 -11.18
C ALA B 178 -21.43 12.30 -9.90
N SER B 179 -21.88 11.17 -9.37
CA SER B 179 -21.23 10.60 -8.20
C SER B 179 -19.73 10.32 -8.42
N LEU B 180 -19.40 9.71 -9.55
CA LEU B 180 -17.99 9.48 -9.89
C LEU B 180 -17.16 10.77 -9.90
N ILE B 181 -17.76 11.85 -10.41
CA ILE B 181 -17.07 13.14 -10.45
C ILE B 181 -16.81 13.60 -9.02
N LEU B 182 -17.84 13.49 -8.18
CA LEU B 182 -17.75 13.94 -6.80
C LEU B 182 -16.64 13.23 -5.99
N TYR B 183 -16.46 11.93 -6.25
CA TYR B 183 -15.45 11.12 -5.53
C TYR B 183 -14.06 11.09 -6.18
N ALA B 184 -13.93 11.70 -7.36
CA ALA B 184 -12.68 11.64 -8.17
C ALA B 184 -11.40 12.06 -7.46
N GLU B 185 -11.49 13.07 -6.61
CA GLU B 185 -10.29 13.69 -6.08
C GLU B 185 -10.60 14.57 -4.88
N HIS B 186 -9.73 14.54 -3.88
CA HIS B 186 -9.94 15.35 -2.68
C HIS B 186 -8.67 15.68 -1.90
N GLU B 187 -7.70 16.26 -2.59
CA GLU B 187 -6.44 16.73 -2.00
C GLU B 187 -5.70 15.60 -1.26
N PHE B 188 -4.94 15.95 -0.22
CA PHE B 188 -4.24 14.96 0.58
C PHE B 188 -5.22 14.36 1.59
N ASN B 189 -5.23 13.04 1.63
CA ASN B 189 -6.09 12.25 2.49
C ASN B 189 -5.41 10.91 2.65
N ALA B 190 -5.81 10.12 3.64
CA ALA B 190 -5.10 8.89 3.98
C ALA B 190 -4.60 8.15 2.73
N SER B 191 -5.51 7.85 1.80
CA SER B 191 -5.18 7.03 0.64
C SER B 191 -4.33 7.74 -0.41
N THR B 192 -4.63 9.01 -0.70
CA THR B 192 -3.83 9.77 -1.65
C THR B 192 -2.43 9.99 -1.09
N PHE B 193 -2.36 10.21 0.21
CA PHE B 193 -1.07 10.36 0.86
C PHE B 193 -0.28 9.07 0.67
N ALA B 194 -0.89 7.94 1.01
CA ALA B 194 -0.25 6.63 0.81
C ALA B 194 0.32 6.48 -0.62
N ALA B 195 -0.46 6.85 -1.62
CA ALA B 195 -0.01 6.80 -3.02
C ALA B 195 1.24 7.67 -3.25
N ARG B 196 1.30 8.81 -2.58
CA ARG B 196 2.42 9.74 -2.76
C ARG B 196 3.67 9.26 -2.00
N VAL B 197 3.47 8.64 -0.83
CA VAL B 197 4.59 8.10 -0.05
C VAL B 197 5.28 7.02 -0.87
N CYS B 198 4.44 6.23 -1.50
CA CYS B 198 4.83 5.13 -2.35
C CYS B 198 5.58 5.61 -3.59
N SER B 199 5.03 6.59 -4.29
CA SER B 199 5.69 7.19 -5.47
C SER B 199 7.03 7.85 -5.14
N ALA B 200 7.13 8.43 -3.94
CA ALA B 200 8.34 9.14 -3.54
C ALA B 200 9.57 8.23 -3.36
N THR B 201 9.35 6.92 -3.30
CA THR B 201 10.44 5.94 -3.26
C THR B 201 10.82 5.45 -4.67
N LEU B 202 10.20 6.03 -5.70
CA LEU B 202 10.36 5.63 -7.10
C LEU B 202 9.76 4.24 -7.38
N SER B 203 8.69 3.93 -6.68
CA SER B 203 7.99 2.68 -6.89
C SER B 203 7.08 2.83 -8.10
N ASP B 204 6.69 1.70 -8.68
CA ASP B 204 5.81 1.70 -9.86
C ASP B 204 4.40 2.15 -9.54
N ILE B 205 3.66 2.51 -10.58
CA ILE B 205 2.32 3.07 -10.43
C ILE B 205 1.31 2.09 -9.82
N TYR B 206 1.40 0.79 -10.13
CA TYR B 206 0.48 -0.20 -9.55
C TYR B 206 0.69 -0.38 -8.03
N SER B 207 1.95 -0.33 -7.59
CA SER B 207 2.31 -0.34 -6.16
C SER B 207 1.56 0.79 -5.43
N ALA B 208 1.76 2.00 -5.92
CA ALA B 208 1.13 3.21 -5.39
C ALA B 208 -0.38 3.04 -5.31
N VAL B 209 -1.03 2.62 -6.40
CA VAL B 209 -2.50 2.47 -6.40
C VAL B 209 -2.94 1.36 -5.47
N THR B 210 -2.17 0.27 -5.43
CA THR B 210 -2.44 -0.83 -4.53
C THR B 210 -2.38 -0.34 -3.07
N ALA B 211 -1.35 0.45 -2.77
CA ALA B 211 -1.20 1.01 -1.42
C ALA B 211 -2.41 1.85 -1.03
N ALA B 212 -2.86 2.68 -1.96
CA ALA B 212 -4.00 3.56 -1.77
C ALA B 212 -5.28 2.75 -1.53
N ILE B 213 -5.53 1.74 -2.37
CA ILE B 213 -6.67 0.82 -2.18
C ILE B 213 -6.61 0.19 -0.79
N ALA B 214 -5.46 -0.36 -0.43
CA ALA B 214 -5.22 -0.93 0.91
C ALA B 214 -5.55 0.05 2.06
N THR B 215 -5.30 1.32 1.83
CA THR B 215 -5.57 2.36 2.83
C THR B 215 -7.07 2.71 2.82
N LEU B 216 -7.66 2.80 1.63
CA LEU B 216 -9.09 3.11 1.48
C LEU B 216 -9.98 1.98 2.03
N ARG B 217 -9.44 0.76 2.04
CA ARG B 217 -10.13 -0.40 2.62
C ARG B 217 -10.55 -0.16 4.07
N GLY B 218 -9.84 0.70 4.79
CA GLY B 218 -10.15 0.99 6.18
C GLY B 218 -11.50 1.71 6.34
N PRO B 219 -12.35 1.23 7.26
CA PRO B 219 -13.67 1.83 7.39
C PRO B 219 -13.69 3.29 7.87
N LEU B 220 -12.65 3.74 8.56
CA LEU B 220 -12.58 5.15 8.93
C LEU B 220 -12.22 6.06 7.73
N HIS B 221 -11.89 5.50 6.56
CA HIS B 221 -11.53 6.29 5.40
C HIS B 221 -12.45 6.03 4.20
N GLY B 222 -12.63 4.77 3.86
CA GLY B 222 -13.37 4.44 2.64
C GLY B 222 -14.83 4.04 2.76
N GLY B 223 -15.26 3.50 3.89
CA GLY B 223 -16.57 2.84 3.93
C GLY B 223 -17.76 3.56 4.57
N ALA B 224 -17.74 4.89 4.62
CA ALA B 224 -18.73 5.64 5.39
C ALA B 224 -20.15 5.53 4.85
N ASN B 225 -20.32 5.48 3.53
CA ASN B 225 -21.66 5.36 2.94
C ASN B 225 -22.29 3.99 3.14
N GLU B 226 -21.43 2.99 3.22
CA GLU B 226 -21.85 1.63 3.54
C GLU B 226 -22.38 1.54 4.97
N ALA B 227 -21.67 2.15 5.90
CA ALA B 227 -22.14 2.23 7.29
C ALA B 227 -23.40 3.12 7.41
N ALA B 228 -23.45 4.24 6.68
CA ALA B 228 -24.65 5.10 6.64
C ALA B 228 -25.90 4.40 6.06
N ASP B 230 -26.47 1.03 6.25
CA ASP B 230 -26.81 0.13 7.36
C ASP B 230 -27.61 0.86 8.43
N LEU B 231 -27.15 2.07 8.78
CA LEU B 231 -27.80 2.92 9.79
C LEU B 231 -29.21 3.38 9.36
N ILE B 232 -29.31 3.92 8.15
CA ILE B 232 -30.60 4.41 7.63
C ILE B 232 -31.63 3.28 7.55
N LEU B 234 -32.12 0.85 9.54
CA LEU B 234 -32.65 0.43 10.86
C LEU B 234 -34.07 0.96 11.13
N TYR B 235 -34.51 1.97 10.39
CA TYR B 235 -35.68 2.75 10.75
C TYR B 235 -36.78 2.73 9.69
N LYS B 236 -38.01 2.49 10.14
CA LYS B 236 -39.19 2.49 9.26
C LYS B 236 -39.72 3.92 9.03
N THR B 237 -39.61 4.79 10.03
CA THR B 237 -40.16 6.14 9.94
C THR B 237 -39.14 7.21 10.35
N PRO B 238 -39.35 8.46 9.93
CA PRO B 238 -38.51 9.56 10.38
C PRO B 238 -38.45 9.69 11.90
N SER B 239 -39.60 9.60 12.57
CA SER B 239 -39.65 9.62 14.03
C SER B 239 -38.71 8.60 14.66
N GLU B 240 -38.86 7.34 14.25
CA GLU B 240 -37.99 6.26 14.75
C GLU B 240 -36.52 6.59 14.57
N ALA B 241 -36.19 7.24 13.45
CA ALA B 241 -34.81 7.64 13.15
C ALA B 241 -34.36 8.79 14.05
N ILE B 242 -35.21 9.78 14.28
CA ILE B 242 -34.87 10.85 15.23
C ILE B 242 -34.49 10.21 16.58
N ALA B 243 -35.44 9.47 17.16
CA ALA B 243 -35.27 8.81 18.46
C ALA B 243 -34.07 7.87 18.50
N GLY B 244 -33.88 7.08 17.46
CA GLY B 244 -32.76 6.15 17.38
C GLY B 244 -31.40 6.81 17.29
N ILE B 245 -31.32 7.94 16.58
CA ILE B 245 -30.09 8.75 16.50
C ILE B 245 -29.75 9.39 17.85
N LYS B 246 -30.75 9.89 18.57
CA LYS B 246 -30.53 10.48 19.89
C LYS B 246 -29.96 9.45 20.89
N ARG B 247 -30.47 8.22 20.85
CA ARG B 247 -29.97 7.11 21.68
C ARG B 247 -28.51 6.79 21.38
N LYS B 248 -28.15 6.86 20.10
CA LYS B 248 -26.78 6.62 19.69
C LYS B 248 -25.85 7.73 20.17
N LEU B 249 -26.33 8.97 20.15
CA LEU B 249 -25.57 10.13 20.63
C LEU B 249 -25.39 10.19 22.14
N ALA B 250 -26.44 9.88 22.89
CA ALA B 250 -26.36 9.82 24.35
C ALA B 250 -25.44 8.67 24.78
N ASN B 251 -25.36 7.65 23.94
CA ASN B 251 -24.45 6.52 24.15
C ASN B 251 -23.09 6.76 23.47
N LYS B 252 -22.83 8.02 23.08
CA LYS B 252 -21.57 8.46 22.47
C LYS B 252 -21.06 7.58 21.30
N GLU B 253 -21.97 6.88 20.62
CA GLU B 253 -21.60 6.09 19.46
C GLU B 253 -21.31 7.05 18.32
N LEU B 254 -20.46 6.60 17.41
CA LEU B 254 -20.04 7.43 16.29
C LEU B 254 -20.94 7.15 15.10
N ILE B 255 -21.53 8.22 14.54
CA ILE B 255 -22.36 8.10 13.35
C ILE B 255 -21.57 8.53 12.12
N GLY B 257 -20.62 9.60 8.24
CA GLY B 257 -21.11 10.44 7.16
C GLY B 257 -21.35 11.87 7.59
N PHE B 258 -20.85 12.23 8.76
CA PHE B 258 -21.08 13.56 9.30
C PHE B 258 -19.78 14.20 9.75
N GLY B 259 -19.64 15.49 9.45
CA GLY B 259 -18.43 16.23 9.75
C GLY B 259 -17.30 15.85 8.82
N HIS B 260 -16.29 16.72 8.73
CA HIS B 260 -15.12 16.44 7.90
C HIS B 260 -13.84 16.97 8.54
N ALA B 261 -12.75 16.23 8.33
CA ALA B 261 -11.45 16.55 8.94
C ALA B 261 -10.90 17.92 8.55
N VAL B 262 -11.45 18.50 7.47
CA VAL B 262 -10.94 19.73 6.87
C VAL B 262 -12.02 20.81 6.87
N TYR B 263 -13.16 20.53 6.24
CA TYR B 263 -14.26 21.51 6.17
C TYR B 263 -14.80 21.79 7.57
N ARG B 264 -15.46 22.93 7.74
CA ARG B 264 -15.94 23.32 9.08
C ARG B 264 -17.42 23.74 9.12
N GLU B 265 -17.98 24.26 8.03
CA GLU B 265 -19.43 24.53 7.96
C GLU B 265 -20.20 23.62 7.00
N ARG B 266 -19.59 23.27 5.87
CA ARG B 266 -20.30 22.60 4.78
C ARG B 266 -19.36 21.80 3.89
N ASP B 267 -19.87 20.70 3.33
CA ASP B 267 -19.15 19.89 2.33
C ASP B 267 -19.86 20.14 1.00
N PRO B 268 -19.20 20.85 0.07
CA PRO B 268 -19.84 21.26 -1.19
C PRO B 268 -20.43 20.11 -2.00
N ARG B 269 -19.89 18.91 -1.79
CA ARG B 269 -20.27 17.75 -2.56
C ARG B 269 -21.59 17.18 -2.03
N ASN B 270 -21.89 17.40 -0.76
CA ASN B 270 -23.14 16.92 -0.15
C ASN B 270 -24.38 17.43 -0.89
N ALA B 271 -24.45 18.74 -1.09
CA ALA B 271 -25.58 19.34 -1.79
C ALA B 271 -25.85 18.65 -3.12
N ILE B 272 -24.79 18.43 -3.89
CA ILE B 272 -24.91 17.81 -5.22
C ILE B 272 -25.43 16.39 -5.13
N ILE B 273 -24.86 15.59 -4.23
CA ILE B 273 -25.29 14.20 -4.10
C ILE B 273 -26.68 14.13 -3.49
N LYS B 274 -26.98 15.01 -2.54
CA LYS B 274 -28.32 15.07 -1.93
C LYS B 274 -29.36 15.38 -2.98
N SER B 275 -29.07 16.37 -3.82
CA SER B 275 -29.97 16.71 -4.93
C SER B 275 -30.32 15.48 -5.76
N TRP B 276 -29.32 14.64 -6.01
CA TRP B 276 -29.49 13.43 -6.81
C TRP B 276 -30.30 12.36 -6.10
N ALA B 277 -30.03 12.15 -4.83
CA ALA B 277 -30.78 11.18 -4.04
C ALA B 277 -32.24 11.54 -4.06
N GLN B 278 -32.53 12.82 -3.84
CA GLN B 278 -33.90 13.33 -3.82
C GLN B 278 -34.59 13.12 -5.16
N LYS B 279 -33.82 13.24 -6.23
CA LYS B 279 -34.31 13.07 -7.58
C LYS B 279 -34.67 11.61 -7.87
N LEU B 280 -33.88 10.68 -7.33
CA LEU B 280 -34.05 9.24 -7.60
C LEU B 280 -35.08 8.56 -6.73
N ALA B 281 -35.45 9.21 -5.62
CA ALA B 281 -36.30 8.64 -4.59
C ALA B 281 -37.70 8.26 -5.09
N PRO B 282 -38.37 9.16 -5.82
CA PRO B 282 -39.73 8.89 -6.30
C PRO B 282 -39.89 7.63 -7.15
N ASN B 283 -38.91 7.28 -7.98
CA ASN B 283 -38.99 6.02 -8.70
C ASN B 283 -38.16 4.92 -8.08
N ALA B 284 -38.25 4.80 -6.75
CA ALA B 284 -37.54 3.77 -6.01
C ALA B 284 -38.55 3.08 -5.11
N ALA B 285 -38.45 1.75 -5.02
CA ALA B 285 -39.32 0.97 -4.15
C ALA B 285 -39.30 1.56 -2.74
N ASP B 286 -38.10 1.68 -2.17
CA ASP B 286 -37.92 2.25 -0.82
C ASP B 286 -37.42 3.71 -0.84
N GLY B 287 -38.12 4.57 -1.58
CA GLY B 287 -37.82 6.01 -1.62
C GLY B 287 -38.05 6.78 -0.33
N TYR B 288 -38.80 6.16 0.58
CA TYR B 288 -38.99 6.70 1.93
C TYR B 288 -37.66 6.85 2.67
N LEU B 289 -36.65 6.06 2.30
CA LEU B 289 -35.32 6.13 2.91
C LEU B 289 -34.66 7.51 2.79
N PHE B 290 -35.03 8.28 1.76
CA PHE B 290 -34.54 9.65 1.64
C PHE B 290 -35.01 10.49 2.81
N ASP B 291 -36.31 10.45 3.10
CA ASP B 291 -36.86 11.20 4.25
C ASP B 291 -36.32 10.73 5.59
N ILE B 292 -36.02 9.44 5.70
CA ILE B 292 -35.31 8.91 6.87
C ILE B 292 -33.98 9.63 6.97
N SER B 293 -33.25 9.68 5.86
CA SER B 293 -31.95 10.33 5.79
C SER B 293 -32.04 11.82 6.14
N ASP B 294 -33.06 12.50 5.65
CA ASP B 294 -33.23 13.92 5.95
C ASP B 294 -33.45 14.12 7.46
N ALA B 295 -34.26 13.25 8.06
CA ALA B 295 -34.49 13.28 9.49
C ALA B 295 -33.18 13.11 10.26
N ILE B 296 -32.36 12.16 9.83
CA ILE B 296 -31.06 11.93 10.46
C ILE B 296 -30.20 13.19 10.38
N GLU B 297 -30.14 13.79 9.19
CA GLU B 297 -29.39 15.01 8.99
C GLU B 297 -29.83 16.12 9.94
N ASN B 298 -31.14 16.37 9.98
CA ASN B 298 -31.70 17.41 10.85
C ASN B 298 -31.32 17.19 12.31
N THR B 299 -31.29 15.92 12.72
CA THR B 299 -31.00 15.54 14.11
C THR B 299 -29.51 15.66 14.45
N GLN B 301 -27.59 17.92 13.00
CA GLN B 301 -27.41 19.37 13.06
C GLN B 301 -27.94 19.90 14.40
N ASP B 302 -29.21 19.61 14.68
CA ASP B 302 -29.86 20.11 15.91
C ASP B 302 -29.09 19.76 17.18
N GLU B 303 -28.68 18.50 17.29
CA GLU B 303 -28.00 18.00 18.49
C GLU B 303 -26.53 18.46 18.58
N LYS B 304 -25.67 17.97 17.70
CA LYS B 304 -24.22 18.33 17.76
C LYS B 304 -23.66 19.14 16.58
N LYS B 305 -24.51 19.94 15.94
CA LYS B 305 -24.08 20.96 14.99
C LYS B 305 -23.21 20.43 13.84
N LEU B 306 -23.41 19.16 13.48
CA LEU B 306 -22.62 18.52 12.42
C LEU B 306 -23.39 18.43 11.11
N PHE B 307 -22.67 18.60 10.01
CA PHE B 307 -23.27 18.62 8.69
C PHE B 307 -22.93 17.30 7.98
N PRO B 308 -23.76 16.88 7.02
CA PRO B 308 -23.43 15.65 6.30
C PRO B 308 -22.31 15.87 5.31
N ASN B 309 -21.35 14.94 5.28
CA ASN B 309 -20.34 14.88 4.22
C ASN B 309 -20.88 14.08 3.02
N LEU B 310 -20.07 14.01 1.97
CA LEU B 310 -20.46 13.35 0.72
C LEU B 310 -20.99 11.93 0.88
N ASP B 311 -20.46 11.19 1.84
CA ASP B 311 -20.83 9.78 2.00
C ASP B 311 -22.26 9.58 2.50
N PHE B 312 -22.81 10.56 3.20
CA PHE B 312 -24.12 10.34 3.80
C PHE B 312 -25.22 10.14 2.74
N TYR B 313 -25.44 11.14 1.89
CA TYR B 313 -26.47 11.00 0.85
C TYR B 313 -26.02 10.16 -0.32
N SER B 314 -24.72 9.97 -0.44
CA SER B 314 -24.18 9.01 -1.37
C SER B 314 -24.76 7.61 -1.15
N ALA B 315 -25.10 7.30 0.10
CA ALA B 315 -25.67 6.01 0.44
C ALA B 315 -27.01 5.79 -0.26
N THR B 316 -27.96 6.70 -0.11
CA THR B 316 -29.26 6.52 -0.74
C THR B 316 -29.19 6.64 -2.28
N ALA B 317 -28.28 7.47 -2.79
CA ALA B 317 -28.11 7.59 -4.25
C ALA B 317 -27.76 6.24 -4.87
N TYR B 318 -26.74 5.60 -4.32
CA TYR B 318 -26.30 4.31 -4.84
C TYR B 318 -27.39 3.25 -4.64
N HIS B 319 -28.01 3.24 -3.47
CA HIS B 319 -29.07 2.30 -3.19
C HIS B 319 -30.22 2.42 -4.18
N PHE B 320 -30.64 3.65 -4.49
CA PHE B 320 -31.67 3.88 -5.50
C PHE B 320 -31.20 3.55 -6.93
N LEU B 321 -29.90 3.34 -7.12
CA LEU B 321 -29.36 2.82 -8.39
C LEU B 321 -29.29 1.29 -8.43
N ASN B 322 -29.76 0.65 -7.35
CA ASN B 322 -29.81 -0.80 -7.23
C ASN B 322 -28.43 -1.40 -7.07
N ILE B 323 -27.52 -0.59 -6.51
CA ILE B 323 -26.19 -1.02 -6.22
C ILE B 323 -26.21 -1.67 -4.84
N PRO B 324 -25.71 -2.91 -4.75
CA PRO B 324 -25.66 -3.55 -3.44
C PRO B 324 -24.71 -2.81 -2.49
N THR B 325 -25.10 -2.69 -1.22
CA THR B 325 -24.37 -1.90 -0.22
C THR B 325 -22.89 -2.31 -0.13
N LYS B 326 -22.61 -3.61 -0.22
CA LYS B 326 -21.21 -4.08 -0.14
C LYS B 326 -20.35 -3.63 -1.32
N LEU B 327 -20.98 -3.25 -2.43
CA LEU B 327 -20.25 -2.75 -3.60
C LEU B 327 -20.07 -1.22 -3.61
N PHE B 328 -20.49 -0.53 -2.56
CA PHE B 328 -20.27 0.92 -2.48
C PHE B 328 -18.77 1.25 -2.49
N THR B 329 -18.00 0.51 -1.73
CA THR B 329 -16.58 0.86 -1.53
C THR B 329 -15.71 0.69 -2.79
N PRO B 330 -15.93 -0.36 -3.59
CA PRO B 330 -15.18 -0.44 -4.86
C PRO B 330 -15.47 0.70 -5.87
N ILE B 331 -16.60 1.39 -5.74
CA ILE B 331 -16.95 2.48 -6.65
C ILE B 331 -16.04 3.70 -6.39
N PHE B 332 -15.74 3.93 -5.12
CA PHE B 332 -14.76 4.92 -4.69
C PHE B 332 -13.40 4.70 -5.39
N VAL B 333 -12.92 3.46 -5.43
CA VAL B 333 -11.71 3.15 -6.21
C VAL B 333 -11.89 3.54 -7.68
N SER B 335 -13.59 5.74 -9.03
CA SER B 335 -13.55 7.18 -9.21
C SER B 335 -12.19 7.75 -8.80
N ARG B 336 -11.81 7.48 -7.57
CA ARG B 336 -10.68 8.16 -6.96
C ARG B 336 -9.34 7.75 -7.60
N VAL B 337 -9.32 6.67 -8.39
CA VAL B 337 -8.10 6.27 -9.12
C VAL B 337 -7.59 7.37 -10.04
N THR B 338 -8.51 8.19 -10.54
CA THR B 338 -8.11 9.38 -11.29
C THR B 338 -7.25 10.32 -10.42
N GLY B 339 -7.75 10.66 -9.23
CA GLY B 339 -7.04 11.56 -8.32
C GLY B 339 -5.70 11.01 -7.89
N TRP B 340 -5.70 9.74 -7.49
CA TRP B 340 -4.47 9.07 -7.10
C TRP B 340 -3.41 9.21 -8.19
N CYS B 341 -3.75 8.74 -9.38
CA CYS B 341 -2.82 8.82 -10.50
C CYS B 341 -2.37 10.25 -10.73
N ALA B 342 -3.27 11.21 -10.61
CA ALA B 342 -2.90 12.63 -10.71
C ALA B 342 -1.86 13.03 -9.65
N HIS B 343 -2.06 12.57 -8.42
CA HIS B 343 -1.12 12.89 -7.35
C HIS B 343 0.20 12.13 -7.53
N ILE B 344 0.13 10.94 -8.12
CA ILE B 344 1.33 10.16 -8.41
C ILE B 344 2.17 10.84 -9.49
N PHE B 345 1.52 11.30 -10.55
CA PHE B 345 2.22 12.05 -11.60
C PHE B 345 2.93 13.28 -11.05
N GLU B 346 2.30 13.93 -10.08
CA GLU B 346 2.84 15.16 -9.49
C GLU B 346 4.02 14.89 -8.56
N GLN B 347 3.94 13.84 -7.75
CA GLN B 347 5.06 13.42 -6.90
C GLN B 347 6.27 13.09 -7.74
N ARG B 348 6.05 12.40 -8.86
CA ARG B 348 7.14 12.01 -9.76
C ARG B 348 7.93 13.22 -10.28
N LYS B 349 7.24 14.32 -10.56
CA LYS B 349 7.88 15.53 -11.12
C LYS B 349 8.54 16.44 -10.08
N ASP B 350 8.01 16.47 -8.85
CA ASP B 350 8.59 17.26 -7.76
C ASP B 350 8.68 16.34 -6.54
N ASN B 351 9.64 15.42 -6.60
CA ASN B 351 9.75 14.36 -5.61
C ASN B 351 10.38 14.80 -4.30
N ARG B 352 9.60 15.51 -3.50
CA ARG B 352 9.96 15.74 -2.12
C ARG B 352 8.84 15.23 -1.25
N ILE B 353 9.21 14.52 -0.19
CA ILE B 353 8.26 13.99 0.77
C ILE B 353 8.83 14.22 2.14
N ILE B 354 7.96 14.40 3.12
CA ILE B 354 8.40 14.61 4.48
C ILE B 354 8.83 13.23 5.03
N ARG B 355 10.06 13.16 5.55
CA ARG B 355 10.53 11.94 6.20
C ARG B 355 9.83 11.79 7.55
N PRO B 356 9.14 10.66 7.75
CA PRO B 356 8.57 10.44 9.08
C PRO B 356 9.65 10.17 10.12
N ASN B 357 9.58 10.88 11.24
CA ASN B 357 10.43 10.60 12.40
C ASN B 357 9.52 10.36 13.60
N ALA B 358 9.88 9.41 14.44
CA ALA B 358 9.06 9.04 15.59
C ALA B 358 9.74 9.46 16.88
N ASP B 359 8.96 9.95 17.83
CA ASP B 359 9.45 10.18 19.19
C ASP B 359 9.47 8.86 19.91
N TYR B 360 10.64 8.51 20.46
CA TYR B 360 10.81 7.28 21.21
C TYR B 360 10.29 7.42 22.65
N ILE B 361 9.32 6.57 22.99
CA ILE B 361 8.78 6.45 24.35
C ILE B 361 8.92 5.01 24.89
N GLY B 362 9.87 4.24 24.36
CA GLY B 362 10.14 2.89 24.84
C GLY B 362 11.16 2.84 25.99
N PRO B 363 11.63 1.63 26.33
CA PRO B 363 12.63 1.43 27.38
C PRO B 363 14.04 1.83 26.97
N GLU B 364 14.89 2.13 27.96
CA GLU B 364 16.29 2.48 27.70
C GLU B 364 17.13 1.21 27.48
N GLU B 365 18.36 1.38 27.03
CA GLU B 365 19.25 0.25 26.72
C GLU B 365 19.28 -0.80 27.84
N GLN B 366 18.86 -2.02 27.50
CA GLN B 366 18.80 -3.13 28.44
C GLN B 366 20.08 -3.95 28.36
N GLY B 367 20.50 -4.52 29.49
CA GLY B 367 21.57 -5.52 29.49
C GLY B 367 21.03 -6.81 28.91
N TRP B 368 21.84 -7.51 28.13
CA TRP B 368 21.40 -8.75 27.51
C TRP B 368 21.07 -9.81 28.56
N VAL B 369 19.95 -10.50 28.36
CA VAL B 369 19.54 -11.60 29.23
C VAL B 369 19.57 -12.88 28.41
N PRO B 370 20.53 -13.77 28.72
CA PRO B 370 20.59 -15.05 27.99
C PRO B 370 19.32 -15.87 28.20
N ILE B 371 18.98 -16.69 27.22
CA ILE B 371 17.72 -17.43 27.23
C ILE B 371 17.57 -18.32 28.49
N GLU B 372 18.69 -18.84 29.00
CA GLU B 372 18.67 -19.70 30.19
C GLU B 372 18.22 -18.99 31.48
N LYS B 373 18.28 -17.66 31.47
CA LYS B 373 17.93 -16.86 32.64
C LYS B 373 16.55 -16.19 32.53
N ARG B 374 15.89 -16.34 31.38
CA ARG B 374 14.56 -15.77 31.23
C ARG B 374 13.54 -16.61 32.03
N ARG B 375 12.70 -15.91 32.80
CA ARG B 375 11.80 -16.50 33.81
C ARG B 375 12.39 -17.71 34.56
#